data_5H5T
#
_entry.id   5H5T
#
_cell.length_a   78.688
_cell.length_b   106.062
_cell.length_c   141.704
_cell.angle_alpha   90.00
_cell.angle_beta   90.00
_cell.angle_gamma   90.00
#
_symmetry.space_group_name_H-M   'P 21 21 21'
#
loop_
_entity.id
_entity.type
_entity.pdbx_description
1 polymer 'Flagellar hook-associated protein 2'
2 water water
#
_entity_poly.entity_id   1
_entity_poly.type   'polypeptide(L)'
_entity_poly.pdbx_seq_one_letter_code
;GSAKDPKSTVASSTTEDLKVSTTAGAAAGTYKINVTQLAAAQSLATKTTFATTKEQLGDTSVTSRTIKIEQPGRKEPLEI
KLDKGDTSMEAIRDAINDADSGIAASIVKVKENEFQLVLTANSGTDNTMKITVEGDTKLNDLLAYDSTTNTGNMQELVKA
ENAKLNVNGIDIERQSNTVTDAPQGITLTLTKKVTDATVTVTKD
;
_entity_poly.pdbx_strand_id   A,B,C,D,E
#
# COMPACT_ATOMS: atom_id res chain seq x y z
N SER A 8 7.71 27.66 10.24
CA SER A 8 6.85 26.45 10.12
C SER A 8 7.61 25.12 10.23
N THR A 9 6.88 24.06 10.53
CA THR A 9 7.44 22.73 10.69
C THR A 9 6.46 21.65 10.20
N VAL A 10 7.01 20.57 9.64
CA VAL A 10 6.27 19.44 9.15
C VAL A 10 6.80 18.17 9.85
N ALA A 11 6.00 17.12 9.86
CA ALA A 11 6.38 15.90 10.54
C ALA A 11 5.90 14.69 9.79
N SER A 12 6.76 13.70 9.61
CA SER A 12 6.37 12.46 8.98
C SER A 12 6.59 11.31 9.94
N SER A 13 6.01 10.18 9.59
CA SER A 13 6.05 9.00 10.45
C SER A 13 6.34 7.81 9.57
N THR A 14 7.16 6.88 10.05
CA THR A 14 7.41 5.63 9.33
C THR A 14 6.19 4.71 9.33
N THR A 15 5.20 4.97 10.19
CA THR A 15 4.00 4.16 10.24
C THR A 15 2.75 5.00 10.37
N GLU A 16 1.70 4.59 9.68
CA GLU A 16 0.38 5.20 9.79
C GLU A 16 -0.36 4.80 11.08
N ASP A 17 0.18 3.81 11.79
CA ASP A 17 -0.33 3.45 13.10
C ASP A 17 0.05 4.52 14.15
N LEU A 18 0.93 5.44 13.79
CA LEU A 18 1.35 6.52 14.69
C LEU A 18 1.25 7.87 14.00
N LYS A 19 0.30 8.70 14.41
CA LYS A 19 0.05 9.98 13.74
C LYS A 19 0.66 11.15 14.51
N VAL A 20 1.20 12.13 13.78
CA VAL A 20 2.00 13.20 14.34
C VAL A 20 1.59 14.57 13.87
N SER A 21 1.74 15.55 14.77
CA SER A 21 1.59 16.96 14.43
C SER A 21 2.61 17.80 15.18
N THR A 22 2.97 18.95 14.62
CA THR A 22 3.99 19.79 15.21
C THR A 22 3.63 21.26 15.13
N THR A 23 3.96 22.01 16.18
CA THR A 23 3.83 23.44 16.16
C THR A 23 4.99 24.04 15.38
N ALA A 24 4.94 25.33 15.11
CA ALA A 24 6.04 25.99 14.40
C ALA A 24 7.36 25.83 15.14
N GLY A 25 7.35 26.01 16.45
CA GLY A 25 8.57 26.03 17.25
C GLY A 25 9.24 24.69 17.55
N ALA A 26 8.54 23.58 17.34
CA ALA A 26 9.07 22.24 17.67
C ALA A 26 10.48 22.01 17.13
N ALA A 27 11.26 21.21 17.86
CA ALA A 27 12.65 21.00 17.48
C ALA A 27 12.73 20.04 16.31
N ALA A 28 13.45 20.46 15.27
CA ALA A 28 13.78 19.57 14.15
C ALA A 28 14.55 18.38 14.68
N GLY A 29 14.35 17.21 14.06
CA GLY A 29 15.11 16.02 14.43
C GLY A 29 14.34 14.74 14.21
N THR A 30 14.90 13.65 14.69
CA THR A 30 14.25 12.36 14.63
C THR A 30 13.83 11.94 16.03
N TYR A 31 12.70 11.27 16.11
CA TYR A 31 12.24 10.73 17.36
C TYR A 31 11.96 9.25 17.15
N LYS A 32 12.80 8.41 17.72
CA LYS A 32 12.64 6.97 17.71
C LYS A 32 11.56 6.64 18.75
N ILE A 33 10.46 6.06 18.30
CA ILE A 33 9.30 5.86 19.19
C ILE A 33 8.87 4.42 19.28
N ASN A 34 8.82 3.91 20.51
CA ASN A 34 8.25 2.60 20.82
C ASN A 34 7.00 2.82 21.70
N VAL A 35 5.86 2.28 21.30
CA VAL A 35 4.65 2.33 22.12
C VAL A 35 4.38 0.93 22.68
N THR A 36 4.51 0.79 24.01
CA THR A 36 4.41 -0.50 24.70
C THR A 36 3.04 -0.73 25.38
N GLN A 37 2.24 0.34 25.53
CA GLN A 37 0.87 0.20 26.00
C GLN A 37 0.00 1.37 25.58
N LEU A 38 -1.21 1.07 25.12
CA LEU A 38 -2.19 2.10 24.78
C LEU A 38 -3.02 2.43 25.99
N ALA A 39 -3.37 3.70 26.13
CA ALA A 39 -4.33 4.10 27.14
C ALA A 39 -5.68 3.42 26.86
N ALA A 40 -6.42 3.11 27.93
CA ALA A 40 -7.75 2.53 27.80
C ALA A 40 -8.68 3.13 28.85
N ALA A 41 -9.96 3.22 28.52
CA ALA A 41 -10.96 3.78 29.44
C ALA A 41 -11.74 2.66 30.13
N GLN A 42 -11.95 2.81 31.43
CA GLN A 42 -12.81 1.90 32.16
C GLN A 42 -14.19 1.90 31.53
N SER A 43 -14.67 0.71 31.18
CA SER A 43 -16.02 0.54 30.70
C SER A 43 -16.70 -0.44 31.62
N LEU A 44 -17.81 0.01 32.21
CA LEU A 44 -18.65 -0.78 33.11
C LEU A 44 -19.95 -1.17 32.42
N ALA A 45 -20.47 -2.35 32.73
CA ALA A 45 -21.75 -2.78 32.16
C ALA A 45 -22.66 -3.38 33.24
N THR A 46 -23.97 -3.27 33.03
CA THR A 46 -24.90 -3.95 33.94
C THR A 46 -24.71 -5.46 33.85
N LYS A 47 -24.90 -6.14 34.98
CA LYS A 47 -24.78 -7.60 35.06
C LYS A 47 -26.03 -8.30 34.57
N THR A 48 -27.17 -7.63 34.69
CA THR A 48 -28.41 -8.14 34.15
C THR A 48 -28.72 -7.39 32.84
N THR A 49 -29.30 -8.09 31.87
CA THR A 49 -29.80 -7.47 30.64
C THR A 49 -31.29 -7.30 30.77
N PHE A 50 -31.86 -6.49 29.90
CA PHE A 50 -33.28 -6.21 29.98
C PHE A 50 -34.00 -6.37 28.65
N ALA A 51 -35.29 -6.62 28.73
CA ALA A 51 -36.08 -6.94 27.55
C ALA A 51 -36.29 -5.72 26.66
N THR A 52 -36.33 -4.53 27.25
CA THR A 52 -36.58 -3.29 26.50
C THR A 52 -35.81 -2.16 27.13
N THR A 53 -35.61 -1.11 26.35
CA THR A 53 -34.96 0.09 26.85
C THR A 53 -35.99 1.05 27.45
N LYS A 54 -37.27 0.70 27.37
CA LYS A 54 -38.35 1.52 27.93
C LYS A 54 -38.77 1.11 29.34
N GLU A 55 -38.56 -0.14 29.73
CA GLU A 55 -39.04 -0.57 31.04
C GLU A 55 -38.27 0.12 32.15
N GLN A 56 -38.92 0.31 33.28
CA GLN A 56 -38.37 1.05 34.39
C GLN A 56 -37.43 0.18 35.18
N LEU A 57 -36.24 0.69 35.44
CA LEU A 57 -35.20 -0.06 36.14
C LEU A 57 -35.14 0.31 37.62
N GLY A 58 -35.59 1.51 37.96
CA GLY A 58 -35.55 1.97 39.34
C GLY A 58 -36.79 1.64 40.15
N ASP A 59 -36.80 2.13 41.39
CA ASP A 59 -37.88 1.91 42.30
C ASP A 59 -39.00 2.87 41.93
N THR A 60 -40.12 2.32 41.50
CA THR A 60 -41.22 3.13 41.00
C THR A 60 -42.02 3.79 42.14
N SER A 61 -41.62 3.50 43.37
CA SER A 61 -42.13 4.21 44.53
C SER A 61 -41.31 5.45 44.88
N VAL A 62 -40.11 5.64 44.32
CA VAL A 62 -39.36 6.85 44.65
C VAL A 62 -39.36 7.83 43.49
N THR A 63 -39.52 9.09 43.85
CA THR A 63 -39.75 10.16 42.91
C THR A 63 -38.46 10.84 42.51
N SER A 64 -37.40 10.60 43.28
CA SER A 64 -36.07 11.18 43.00
C SER A 64 -34.93 10.29 43.51
N ARG A 65 -33.93 10.07 42.67
CA ARG A 65 -32.68 9.49 43.12
C ARG A 65 -31.55 10.18 42.38
N THR A 66 -30.35 10.03 42.90
CA THR A 66 -29.16 10.65 42.32
C THR A 66 -28.11 9.59 42.09
N ILE A 67 -27.55 9.56 40.89
CA ILE A 67 -26.42 8.69 40.59
C ILE A 67 -25.18 9.50 40.94
N LYS A 68 -24.44 9.03 41.94
CA LYS A 68 -23.20 9.70 42.35
C LYS A 68 -22.06 8.94 41.72
N ILE A 69 -21.24 9.65 40.95
CA ILE A 69 -20.02 9.07 40.36
C ILE A 69 -18.79 9.79 40.85
N GLU A 70 -17.83 9.04 41.36
CA GLU A 70 -16.57 9.60 41.82
C GLU A 70 -15.41 8.98 41.04
N GLN A 71 -14.35 9.77 40.86
CA GLN A 71 -13.16 9.36 40.12
C GLN A 71 -11.94 10.05 40.74
N PRO A 72 -10.80 9.35 40.83
CA PRO A 72 -9.56 9.94 41.35
C PRO A 72 -9.23 11.35 40.82
N GLY A 73 -9.44 11.58 39.54
CA GLY A 73 -9.10 12.85 38.94
C GLY A 73 -10.19 13.91 38.99
N ARG A 74 -11.33 13.59 39.59
CA ARG A 74 -12.45 14.50 39.68
C ARG A 74 -12.54 15.05 41.10
N LYS A 75 -12.31 16.36 41.26
CA LYS A 75 -12.29 16.99 42.59
C LYS A 75 -13.63 16.87 43.29
N GLU A 76 -14.70 17.06 42.54
CA GLU A 76 -16.02 17.00 43.13
C GLU A 76 -16.91 15.97 42.44
N PRO A 77 -17.65 15.18 43.24
CA PRO A 77 -18.45 14.11 42.66
C PRO A 77 -19.48 14.62 41.64
N LEU A 78 -19.72 13.81 40.62
CA LEU A 78 -20.74 14.07 39.65
C LEU A 78 -22.05 13.49 40.19
N GLU A 79 -23.06 14.34 40.35
CA GLU A 79 -24.37 13.92 40.78
C GLU A 79 -25.40 14.11 39.66
N ILE A 80 -25.93 13.01 39.15
CA ILE A 80 -26.94 13.00 38.10
C ILE A 80 -28.29 12.68 38.74
N LYS A 81 -29.22 13.64 38.74
CA LYS A 81 -30.54 13.43 39.34
C LYS A 81 -31.51 12.81 38.35
N LEU A 82 -32.20 11.76 38.81
CA LEU A 82 -33.31 11.16 38.07
C LEU A 82 -34.62 11.44 38.81
N ASP A 83 -35.35 12.37 38.23
CA ASP A 83 -36.22 13.32 38.91
C ASP A 83 -37.59 13.41 38.24
N LYS A 84 -37.74 12.80 37.06
CA LYS A 84 -38.82 13.15 36.14
C LYS A 84 -39.59 11.94 35.69
N GLY A 85 -39.91 11.06 36.63
CA GLY A 85 -40.91 10.03 36.42
C GLY A 85 -40.54 9.02 35.36
N ASP A 86 -39.25 8.77 35.25
CA ASP A 86 -38.74 7.85 34.26
C ASP A 86 -37.35 7.38 34.68
N THR A 87 -37.21 6.08 34.89
CA THR A 87 -35.91 5.47 35.14
C THR A 87 -35.65 4.30 34.16
N SER A 88 -36.17 4.42 32.95
CA SER A 88 -35.89 3.45 31.92
C SER A 88 -34.41 3.52 31.50
N MET A 89 -33.95 2.52 30.77
CA MET A 89 -32.55 2.52 30.34
C MET A 89 -32.26 3.78 29.54
N GLU A 90 -33.18 4.16 28.66
CA GLU A 90 -33.03 5.39 27.86
C GLU A 90 -32.94 6.62 28.76
N ALA A 91 -33.78 6.67 29.79
CA ALA A 91 -33.85 7.84 30.68
C ALA A 91 -32.57 7.97 31.51
N ILE A 92 -32.01 6.86 31.95
CA ILE A 92 -30.74 6.89 32.66
C ILE A 92 -29.62 7.31 31.69
N ARG A 93 -29.57 6.69 30.51
CA ARG A 93 -28.58 7.07 29.51
C ARG A 93 -28.61 8.56 29.16
N ASP A 94 -29.80 9.09 28.91
CA ASP A 94 -29.93 10.50 28.52
C ASP A 94 -29.50 11.44 29.71
N ALA A 95 -29.84 11.05 30.93
CA ALA A 95 -29.47 11.84 32.11
C ALA A 95 -27.95 11.91 32.27
N ILE A 96 -27.30 10.75 32.16
CA ILE A 96 -25.87 10.72 32.28
C ILE A 96 -25.22 11.52 31.16
N ASN A 97 -25.65 11.33 29.92
CA ASN A 97 -25.03 12.04 28.77
C ASN A 97 -25.35 13.54 28.74
N ASP A 98 -26.53 13.93 29.24
CA ASP A 98 -26.89 15.34 29.31
C ASP A 98 -25.97 16.10 30.28
N ALA A 99 -25.51 15.44 31.36
CA ALA A 99 -24.49 16.01 32.26
C ALA A 99 -23.21 16.45 31.56
N ASP A 100 -22.89 15.79 30.44
CA ASP A 100 -21.72 16.09 29.59
C ASP A 100 -20.49 16.35 30.44
N SER A 101 -20.19 15.42 31.32
CA SER A 101 -19.10 15.57 32.23
C SER A 101 -18.13 14.39 32.14
N GLY A 102 -17.81 13.99 30.92
CA GLY A 102 -16.75 13.02 30.70
C GLY A 102 -17.11 11.60 31.07
N ILE A 103 -18.40 11.31 31.09
CA ILE A 103 -18.87 9.97 31.26
C ILE A 103 -19.92 9.71 30.18
N ALA A 104 -19.75 8.63 29.43
CA ALA A 104 -20.70 8.29 28.35
C ALA A 104 -21.50 7.07 28.74
N ALA A 105 -22.82 7.18 28.66
CA ALA A 105 -23.68 6.04 28.79
C ALA A 105 -24.08 5.60 27.37
N SER A 106 -24.15 4.29 27.18
CA SER A 106 -24.54 3.72 25.91
C SER A 106 -25.30 2.43 26.14
N ILE A 107 -26.13 2.09 25.16
CA ILE A 107 -26.97 0.91 25.25
C ILE A 107 -26.58 -0.07 24.15
N VAL A 108 -26.18 -1.27 24.56
CA VAL A 108 -25.89 -2.37 23.67
C VAL A 108 -27.03 -3.42 23.68
N LYS A 109 -27.57 -3.67 22.50
CA LYS A 109 -28.47 -4.77 22.28
C LYS A 109 -27.57 -5.96 21.97
N VAL A 110 -27.54 -6.95 22.85
CA VAL A 110 -26.67 -8.10 22.60
C VAL A 110 -27.33 -9.03 21.58
N LYS A 111 -28.65 -9.16 21.71
CA LYS A 111 -29.51 -9.77 20.70
C LYS A 111 -30.95 -9.40 21.03
N GLU A 112 -31.92 -9.90 20.26
CA GLU A 112 -33.32 -9.50 20.47
C GLU A 112 -33.77 -9.64 21.93
N ASN A 113 -34.41 -8.59 22.43
CA ASN A 113 -34.89 -8.53 23.80
C ASN A 113 -33.81 -8.72 24.88
N GLU A 114 -32.56 -8.35 24.57
CA GLU A 114 -31.50 -8.31 25.58
C GLU A 114 -30.72 -7.02 25.44
N PHE A 115 -31.09 -6.00 26.21
CA PHE A 115 -30.38 -4.72 26.22
C PHE A 115 -29.57 -4.56 27.50
N GLN A 116 -28.44 -3.88 27.36
CA GLN A 116 -27.47 -3.80 28.43
C GLN A 116 -27.00 -2.36 28.48
N LEU A 117 -26.92 -1.81 29.69
CA LEU A 117 -26.44 -0.44 29.89
C LEU A 117 -24.94 -0.44 30.16
N VAL A 118 -24.21 0.40 29.45
CA VAL A 118 -22.77 0.54 29.57
C VAL A 118 -22.40 2.00 29.94
N LEU A 119 -21.56 2.15 30.96
CA LEU A 119 -20.99 3.44 31.34
C LEU A 119 -19.48 3.42 31.07
N THR A 120 -18.97 4.39 30.32
CA THR A 120 -17.55 4.44 29.96
C THR A 120 -16.91 5.80 30.27
N ALA A 121 -15.79 5.79 30.98
CA ALA A 121 -15.12 7.04 31.35
C ALA A 121 -14.17 7.47 30.24
N ASN A 122 -13.51 8.62 30.43
CA ASN A 122 -12.36 8.97 29.59
C ASN A 122 -11.25 7.98 29.93
N SER A 123 -10.24 7.89 29.07
CA SER A 123 -9.18 6.93 29.29
C SER A 123 -8.29 7.30 30.49
N GLY A 124 -7.63 6.29 31.05
CA GLY A 124 -6.60 6.51 32.05
C GLY A 124 -7.03 6.15 33.46
N THR A 125 -6.05 5.81 34.29
CA THR A 125 -6.36 5.37 35.66
C THR A 125 -6.95 6.46 36.57
N ASP A 126 -6.83 7.73 36.20
CA ASP A 126 -7.49 8.80 36.96
C ASP A 126 -9.03 8.79 36.85
N ASN A 127 -9.55 8.11 35.85
CA ASN A 127 -10.95 8.13 35.57
C ASN A 127 -11.67 6.84 35.93
N THR A 128 -11.07 5.98 36.75
CA THR A 128 -11.78 4.84 37.29
C THR A 128 -12.92 5.36 38.18
N MET A 129 -14.01 4.60 38.22
CA MET A 129 -15.29 5.13 38.73
C MET A 129 -15.74 4.47 40.00
N LYS A 130 -16.27 5.29 40.90
CA LYS A 130 -17.06 4.78 42.04
C LYS A 130 -18.47 5.32 41.87
N ILE A 131 -19.41 4.40 41.74
CA ILE A 131 -20.80 4.71 41.42
C ILE A 131 -21.65 4.21 42.58
N THR A 132 -22.45 5.10 43.12
CA THR A 132 -23.44 4.75 44.09
C THR A 132 -24.71 5.52 43.72
N VAL A 133 -25.86 4.93 43.96
CA VAL A 133 -27.13 5.59 43.75
C VAL A 133 -27.71 5.93 45.10
N GLU A 134 -28.11 7.19 45.26
CA GLU A 134 -28.64 7.68 46.54
C GLU A 134 -30.16 7.79 46.44
N GLY A 135 -30.85 7.08 47.31
CA GLY A 135 -32.30 7.20 47.44
C GLY A 135 -33.11 6.16 46.69
N ASP A 136 -32.44 5.18 46.08
CA ASP A 136 -33.14 4.14 45.30
C ASP A 136 -32.29 2.88 45.27
N THR A 137 -32.58 1.96 46.19
CA THR A 137 -31.73 0.80 46.38
C THR A 137 -31.91 -0.19 45.25
N LYS A 138 -33.05 -0.17 44.57
CA LYS A 138 -33.25 -1.03 43.39
C LYS A 138 -32.35 -0.61 42.24
N LEU A 139 -32.16 0.70 42.07
CA LEU A 139 -31.24 1.23 41.06
C LEU A 139 -29.77 1.06 41.48
N ASN A 140 -29.50 1.24 42.77
CA ASN A 140 -28.17 1.01 43.31
C ASN A 140 -27.75 -0.45 43.07
N ASP A 141 -28.68 -1.36 43.35
CA ASP A 141 -28.51 -2.79 43.10
C ASP A 141 -28.16 -3.11 41.66
N LEU A 142 -28.44 -2.18 40.74
CA LEU A 142 -28.10 -2.33 39.34
C LEU A 142 -26.82 -1.56 38.95
N LEU A 143 -26.65 -0.33 39.46
CA LEU A 143 -25.61 0.57 38.97
C LEU A 143 -24.37 0.71 39.87
N ALA A 144 -24.43 0.20 41.09
CA ALA A 144 -23.34 0.39 42.04
C ALA A 144 -22.05 -0.30 41.58
N TYR A 145 -20.94 0.42 41.63
CA TYR A 145 -19.61 -0.18 41.40
C TYR A 145 -18.58 0.52 42.24
N ASP A 146 -17.59 -0.23 42.73
CA ASP A 146 -16.49 0.32 43.50
C ASP A 146 -15.17 -0.10 42.87
N SER A 147 -14.48 0.84 42.23
CA SER A 147 -13.22 0.54 41.56
C SER A 147 -12.09 0.24 42.54
N THR A 148 -12.15 0.84 43.73
CA THR A 148 -11.15 0.62 44.78
C THR A 148 -11.03 -0.85 45.16
N THR A 149 -12.16 -1.54 45.25
CA THR A 149 -12.22 -2.96 45.62
C THR A 149 -12.58 -3.85 44.42
N ASN A 150 -12.61 -3.25 43.22
CA ASN A 150 -12.99 -3.96 42.00
C ASN A 150 -14.22 -4.87 42.16
N THR A 151 -15.22 -4.38 42.90
CA THR A 151 -16.49 -5.09 43.03
C THR A 151 -17.64 -4.12 42.85
N GLY A 152 -18.81 -4.70 42.66
CA GLY A 152 -20.04 -3.93 42.59
C GLY A 152 -21.10 -4.71 41.87
N ASN A 153 -22.19 -4.03 41.57
CA ASN A 153 -23.30 -4.66 40.90
C ASN A 153 -23.15 -4.61 39.40
N MET A 154 -22.31 -3.70 38.93
CA MET A 154 -21.89 -3.72 37.55
C MET A 154 -20.58 -4.47 37.43
N GLN A 155 -20.24 -4.82 36.19
CA GLN A 155 -19.00 -5.53 35.91
C GLN A 155 -18.07 -4.69 35.06
N GLU A 156 -16.78 -4.85 35.30
CA GLU A 156 -15.77 -4.20 34.51
C GLU A 156 -15.56 -5.01 33.27
N LEU A 157 -15.81 -4.39 32.13
CA LEU A 157 -15.56 -5.05 30.85
C LEU A 157 -14.27 -4.59 30.16
N VAL A 158 -13.85 -3.36 30.44
CA VAL A 158 -12.57 -2.86 29.97
C VAL A 158 -11.88 -2.15 31.15
N LYS A 159 -10.65 -2.57 31.41
CA LYS A 159 -9.87 -2.07 32.53
C LYS A 159 -9.17 -0.78 32.12
N ALA A 160 -9.10 0.18 33.03
CA ALA A 160 -8.45 1.45 32.77
C ALA A 160 -6.95 1.25 32.62
N GLU A 161 -6.34 2.03 31.74
CA GLU A 161 -4.94 1.89 31.44
C GLU A 161 -4.36 3.19 30.90
N ASN A 162 -3.07 3.39 31.16
CA ASN A 162 -2.36 4.56 30.69
C ASN A 162 -1.51 4.23 29.49
N ALA A 163 -1.26 5.24 28.67
CA ALA A 163 -0.35 5.12 27.55
C ALA A 163 1.04 5.01 28.13
N LYS A 164 1.84 4.11 27.57
CA LYS A 164 3.23 4.00 27.89
C LYS A 164 3.99 3.90 26.59
N LEU A 165 4.94 4.81 26.43
CA LEU A 165 5.75 4.86 25.24
C LEU A 165 7.12 5.42 25.60
N ASN A 166 8.04 5.27 24.66
CA ASN A 166 9.42 5.67 24.83
C ASN A 166 9.81 6.51 23.61
N VAL A 167 10.39 7.69 23.86
CA VAL A 167 10.77 8.62 22.78
C VAL A 167 12.26 8.92 22.88
N ASN A 168 13.04 8.46 21.90
CA ASN A 168 14.51 8.53 21.97
C ASN A 168 15.08 8.05 23.31
N GLY A 169 14.48 7.02 23.88
CA GLY A 169 14.98 6.43 25.10
C GLY A 169 14.40 6.96 26.41
N ILE A 170 13.53 7.96 26.34
CA ILE A 170 12.86 8.46 27.53
C ILE A 170 11.48 7.83 27.64
N ASP A 171 11.25 7.04 28.68
CA ASP A 171 9.92 6.51 28.96
C ASP A 171 8.95 7.64 29.34
N ILE A 172 7.75 7.59 28.76
CA ILE A 172 6.73 8.60 28.91
C ILE A 172 5.43 7.90 29.28
N GLU A 173 4.60 8.56 30.08
CA GLU A 173 3.31 8.01 30.45
C GLU A 173 2.22 9.09 30.46
N ARG A 174 1.06 8.72 29.96
CA ARG A 174 -0.06 9.65 29.84
C ARG A 174 -1.37 8.98 30.08
N GLN A 175 -2.34 9.78 30.44
CA GLN A 175 -3.69 9.30 30.65
C GLN A 175 -4.45 9.01 29.34
N SER A 176 -3.95 9.52 28.21
CA SER A 176 -4.66 9.35 26.95
C SER A 176 -3.73 9.08 25.78
N ASN A 177 -4.31 8.64 24.67
CA ASN A 177 -3.53 8.30 23.48
C ASN A 177 -3.26 9.49 22.56
N THR A 178 -3.68 10.68 22.99
CA THR A 178 -3.14 11.92 22.45
C THR A 178 -2.03 12.31 23.40
N VAL A 179 -0.79 12.28 22.92
CA VAL A 179 0.37 12.57 23.74
C VAL A 179 0.96 13.90 23.35
N THR A 180 1.16 14.79 24.31
CA THR A 180 1.78 16.08 24.06
C THR A 180 2.92 16.28 25.04
N ASP A 181 3.65 17.38 24.85
CA ASP A 181 4.78 17.72 25.71
C ASP A 181 5.81 16.59 25.86
N ALA A 182 5.98 15.78 24.80
CA ALA A 182 7.00 14.72 24.83
C ALA A 182 7.69 14.59 23.50
N PRO A 183 8.38 15.64 23.06
CA PRO A 183 8.61 16.93 23.67
C PRO A 183 7.52 17.96 23.38
N GLN A 184 7.57 19.09 24.10
CA GLN A 184 6.74 20.24 23.78
C GLN A 184 6.82 20.58 22.31
N GLY A 185 5.68 20.89 21.70
CA GLY A 185 5.61 21.18 20.28
C GLY A 185 5.20 20.03 19.37
N ILE A 186 5.24 18.79 19.88
CA ILE A 186 4.82 17.61 19.10
C ILE A 186 3.67 16.91 19.79
N THR A 187 2.63 16.62 19.00
CA THR A 187 1.50 15.82 19.43
C THR A 187 1.53 14.50 18.67
N LEU A 188 1.46 13.38 19.39
CA LEU A 188 1.40 12.04 18.78
C LEU A 188 0.06 11.39 19.11
N THR A 189 -0.60 10.78 18.14
CA THR A 189 -1.80 10.02 18.41
C THR A 189 -1.49 8.54 18.30
N LEU A 190 -1.71 7.81 19.39
CA LEU A 190 -1.38 6.40 19.46
C LEU A 190 -2.59 5.56 19.09
N THR A 191 -2.53 4.85 17.98
CA THR A 191 -3.63 3.97 17.58
C THR A 191 -3.31 2.49 17.79
N LYS A 192 -2.03 2.15 17.92
CA LYS A 192 -1.58 0.77 18.06
C LYS A 192 -0.20 0.71 18.73
N LYS A 193 0.16 -0.45 19.26
CA LYS A 193 1.52 -0.65 19.75
C LYS A 193 2.46 -0.67 18.53
N VAL A 194 3.52 0.13 18.57
CA VAL A 194 4.50 0.18 17.48
C VAL A 194 5.91 -0.06 18.03
N THR A 195 6.73 -0.69 17.21
CA THR A 195 8.11 -0.97 17.54
C THR A 195 9.03 -0.21 16.58
N ASP A 196 9.90 0.62 17.14
CA ASP A 196 10.95 1.33 16.39
C ASP A 196 10.37 2.11 15.17
N ALA A 197 9.37 2.92 15.46
CA ALA A 197 8.87 3.92 14.54
C ALA A 197 9.77 5.14 14.62
N THR A 198 9.96 5.83 13.50
CA THR A 198 10.65 7.12 13.51
C THR A 198 9.72 8.25 13.05
N VAL A 199 9.66 9.31 13.85
CA VAL A 199 8.99 10.55 13.46
C VAL A 199 10.12 11.51 13.17
N THR A 200 10.05 12.19 12.03
CA THR A 200 11.07 13.17 11.63
C THR A 200 10.43 14.53 11.50
N VAL A 201 10.91 15.49 12.29
CA VAL A 201 10.43 16.87 12.24
C VAL A 201 11.40 17.67 11.37
N THR A 202 10.89 18.32 10.34
CA THR A 202 11.70 19.15 9.47
C THR A 202 11.16 20.59 9.42
N LYS A 203 12.08 21.55 9.41
CA LYS A 203 11.78 22.97 9.24
C LYS A 203 12.05 23.39 7.80
N SER B 8 14.32 25.98 -17.67
CA SER B 8 13.91 24.96 -18.68
C SER B 8 14.54 23.60 -18.36
N THR B 9 14.27 23.09 -17.16
CA THR B 9 14.82 21.80 -16.72
C THR B 9 13.94 21.14 -15.65
N VAL B 10 13.73 19.82 -15.77
CA VAL B 10 12.91 19.06 -14.82
C VAL B 10 13.62 17.78 -14.38
N ALA B 11 13.30 17.30 -13.18
CA ALA B 11 13.98 16.14 -12.58
C ALA B 11 13.00 15.11 -12.02
N SER B 12 13.32 13.82 -12.20
CA SER B 12 12.47 12.73 -11.69
C SER B 12 13.31 11.67 -10.97
N SER B 13 12.70 11.01 -9.98
CA SER B 13 13.39 9.99 -9.19
C SER B 13 12.67 8.66 -9.29
N THR B 14 13.43 7.57 -9.30
CA THR B 14 12.87 6.22 -9.35
C THR B 14 12.25 5.77 -8.03
N THR B 15 12.47 6.55 -6.96
CA THR B 15 11.89 6.27 -5.64
C THR B 15 11.38 7.55 -4.96
N GLU B 16 10.26 7.43 -4.25
CA GLU B 16 9.75 8.55 -3.44
C GLU B 16 10.64 8.87 -2.24
N ASP B 17 11.54 7.94 -1.87
CA ASP B 17 12.47 8.15 -0.74
C ASP B 17 13.49 9.25 -0.99
N LEU B 18 13.67 9.63 -2.24
CA LEU B 18 14.66 10.63 -2.60
C LEU B 18 13.99 11.73 -3.42
N LYS B 19 13.81 12.91 -2.82
CA LYS B 19 13.18 14.05 -3.50
C LYS B 19 14.25 14.86 -4.22
N VAL B 20 13.94 15.30 -5.44
CA VAL B 20 14.91 16.01 -6.27
C VAL B 20 14.32 17.28 -6.86
N SER B 21 15.10 18.34 -6.92
CA SER B 21 14.76 19.54 -7.71
C SER B 21 15.99 20.04 -8.48
N THR B 22 15.78 21.01 -9.37
CA THR B 22 16.87 21.55 -10.19
C THR B 22 16.96 23.07 -10.11
N THR B 23 18.09 23.60 -10.57
CA THR B 23 18.23 25.03 -10.91
C THR B 23 18.73 25.10 -12.36
N ALA B 24 18.30 26.14 -13.09
CA ALA B 24 18.44 26.22 -14.56
C ALA B 24 19.83 25.91 -15.15
N GLY B 25 20.89 26.02 -14.35
CA GLY B 25 22.24 25.64 -14.78
C GLY B 25 22.49 24.14 -14.81
N ALA B 26 21.54 23.37 -14.29
CA ALA B 26 21.57 21.93 -14.34
C ALA B 26 21.45 21.48 -15.78
N ALA B 27 22.21 20.43 -16.12
CA ALA B 27 22.18 19.86 -17.46
C ALA B 27 21.42 18.55 -17.45
N ALA B 28 21.01 18.11 -18.62
CA ALA B 28 20.30 16.86 -18.77
C ALA B 28 21.25 15.70 -18.49
N GLY B 29 20.77 14.73 -17.72
CA GLY B 29 21.57 13.54 -17.40
C GLY B 29 20.86 12.56 -16.49
N THR B 30 21.53 11.42 -16.26
CA THR B 30 21.06 10.41 -15.32
C THR B 30 22.10 10.24 -14.23
N TYR B 31 21.64 9.92 -13.03
CA TYR B 31 22.54 9.78 -11.87
C TYR B 31 22.14 8.58 -11.01
N LYS B 32 23.06 7.62 -10.89
CA LYS B 32 22.89 6.45 -10.03
C LYS B 32 23.28 6.84 -8.60
N ILE B 33 22.31 6.89 -7.70
CA ILE B 33 22.57 7.35 -6.33
C ILE B 33 22.30 6.27 -5.30
N ASN B 34 23.28 6.07 -4.41
CA ASN B 34 23.11 5.22 -3.22
C ASN B 34 23.22 6.09 -1.97
N VAL B 35 22.25 6.00 -1.07
CA VAL B 35 22.33 6.68 0.21
C VAL B 35 22.51 5.65 1.31
N THR B 36 23.70 5.63 1.91
CA THR B 36 24.08 4.62 2.91
C THR B 36 23.85 5.09 4.35
N GLN B 37 23.78 6.40 4.56
CA GLN B 37 23.60 6.94 5.90
C GLN B 37 22.94 8.31 5.82
N LEU B 38 21.92 8.52 6.66
CA LEU B 38 21.28 9.81 6.78
C LEU B 38 22.05 10.69 7.74
N ALA B 39 21.99 12.00 7.52
CA ALA B 39 22.47 12.98 8.49
C ALA B 39 21.51 13.02 9.68
N ALA B 40 22.07 13.23 10.85
CA ALA B 40 21.36 13.17 12.12
C ALA B 40 21.85 14.28 13.05
N ALA B 41 20.95 14.80 13.89
CA ALA B 41 21.29 15.88 14.81
C ALA B 41 21.48 15.36 16.23
N GLN B 42 22.53 15.84 16.90
CA GLN B 42 22.80 15.44 18.27
C GLN B 42 21.72 15.99 19.21
N SER B 43 21.31 15.15 20.14
CA SER B 43 20.32 15.52 21.14
C SER B 43 20.73 15.03 22.52
N LEU B 44 20.77 15.95 23.47
CA LEU B 44 21.19 15.66 24.85
C LEU B 44 20.03 15.88 25.83
N ALA B 45 19.97 15.04 26.85
CA ALA B 45 18.97 15.20 27.89
C ALA B 45 19.67 15.30 29.26
N THR B 46 19.01 15.99 30.19
CA THR B 46 19.48 16.00 31.57
C THR B 46 19.29 14.60 32.14
N LYS B 47 20.23 14.15 32.97
CA LYS B 47 20.14 12.82 33.58
C LYS B 47 19.10 12.80 34.68
N THR B 48 18.84 13.95 35.28
CA THR B 48 17.82 14.06 36.33
C THR B 48 16.56 14.73 35.82
N THR B 49 15.44 14.45 36.48
CA THR B 49 14.16 15.09 36.20
C THR B 49 13.71 15.90 37.42
N PHE B 50 12.82 16.87 37.19
CA PHE B 50 12.43 17.82 38.24
C PHE B 50 10.90 17.96 38.37
N ALA B 51 10.44 18.35 39.56
CA ALA B 51 9.00 18.39 39.85
C ALA B 51 8.26 19.49 39.08
N THR B 52 8.96 20.58 38.77
CA THR B 52 8.34 21.72 38.13
C THR B 52 9.33 22.34 37.14
N THR B 53 8.79 23.13 36.22
CA THR B 53 9.59 23.88 35.26
C THR B 53 9.91 25.26 35.80
N LYS B 54 9.40 25.58 36.99
CA LYS B 54 9.58 26.90 37.62
C LYS B 54 10.63 26.95 38.74
N GLU B 55 11.00 25.78 39.28
CA GLU B 55 11.93 25.73 40.42
C GLU B 55 13.36 26.02 39.97
N GLN B 56 14.08 26.80 40.77
CA GLN B 56 15.43 27.20 40.39
C GLN B 56 16.34 26.00 40.46
N LEU B 57 17.03 25.71 39.35
CA LEU B 57 17.90 24.54 39.26
C LEU B 57 19.35 24.88 39.57
N GLY B 58 19.71 26.16 39.48
CA GLY B 58 21.08 26.58 39.72
C GLY B 58 21.37 26.94 41.17
N ASP B 59 22.59 27.40 41.40
CA ASP B 59 22.99 27.92 42.70
C ASP B 59 22.58 29.38 42.79
N THR B 60 21.57 29.65 43.62
CA THR B 60 21.05 31.00 43.76
C THR B 60 21.91 31.88 44.68
N SER B 61 23.13 31.46 45.00
CA SER B 61 24.11 32.30 45.71
C SER B 61 24.94 33.14 44.74
N VAL B 62 24.92 32.75 43.46
CA VAL B 62 25.70 33.45 42.44
C VAL B 62 24.75 34.23 41.53
N THR B 63 25.14 35.46 41.23
CA THR B 63 24.31 36.38 40.51
C THR B 63 24.32 36.07 39.03
N SER B 64 25.50 35.74 38.50
CA SER B 64 25.66 35.48 37.06
C SER B 64 26.29 34.12 36.76
N ARG B 65 25.80 33.47 35.71
CA ARG B 65 26.45 32.28 35.18
C ARG B 65 26.19 32.19 33.70
N THR B 66 27.07 31.47 33.00
CA THR B 66 27.02 31.42 31.55
C THR B 66 27.06 29.99 31.07
N ILE B 67 26.03 29.59 30.32
CA ILE B 67 26.05 28.31 29.65
C ILE B 67 26.82 28.53 28.38
N LYS B 68 27.97 27.88 28.25
CA LYS B 68 28.83 28.00 27.08
C LYS B 68 28.64 26.76 26.23
N ILE B 69 28.30 26.96 24.95
CA ILE B 69 28.07 25.87 24.00
C ILE B 69 29.04 25.97 22.82
N GLU B 70 29.89 24.96 22.67
CA GLU B 70 30.90 24.92 21.63
C GLU B 70 30.57 23.83 20.62
N GLN B 71 30.76 24.13 19.34
CA GLN B 71 30.57 23.17 18.26
C GLN B 71 31.72 23.29 17.28
N PRO B 72 32.20 22.14 16.73
CA PRO B 72 33.33 22.16 15.79
C PRO B 72 33.19 23.18 14.66
N GLY B 73 31.99 23.27 14.08
CA GLY B 73 31.70 24.18 12.98
C GLY B 73 31.30 25.61 13.35
N ARG B 74 31.16 25.88 14.65
CA ARG B 74 30.81 27.20 15.14
C ARG B 74 32.09 27.94 15.54
N LYS B 75 32.31 29.09 14.90
CA LYS B 75 33.56 29.84 15.08
C LYS B 75 33.67 30.45 16.48
N GLU B 76 32.56 30.98 16.98
CA GLU B 76 32.54 31.58 18.33
C GLU B 76 31.54 30.90 19.24
N PRO B 77 31.98 30.47 20.43
CA PRO B 77 31.08 29.75 21.34
C PRO B 77 29.80 30.52 21.62
N LEU B 78 28.69 29.80 21.72
CA LEU B 78 27.42 30.39 22.10
C LEU B 78 27.43 30.58 23.62
N GLU B 79 27.31 31.83 24.06
CA GLU B 79 27.32 32.21 25.48
C GLU B 79 25.92 32.65 25.90
N ILE B 80 25.26 31.84 26.72
CA ILE B 80 23.95 32.16 27.29
C ILE B 80 24.07 32.54 28.78
N LYS B 81 23.82 33.80 29.08
CA LYS B 81 24.06 34.34 30.41
C LYS B 81 22.77 34.37 31.22
N LEU B 82 22.86 33.95 32.48
CA LEU B 82 21.70 33.79 33.34
C LEU B 82 21.95 34.38 34.71
N ASP B 83 20.97 35.10 35.23
CA ASP B 83 21.06 35.67 36.59
C ASP B 83 20.38 34.78 37.63
N LYS B 84 20.30 35.25 38.87
CA LYS B 84 19.75 34.47 40.00
C LYS B 84 18.40 33.81 39.72
N GLY B 85 17.51 34.55 39.06
CA GLY B 85 16.14 34.09 38.81
C GLY B 85 15.90 33.47 37.44
N ASP B 86 16.97 33.15 36.73
CA ASP B 86 16.88 32.62 35.37
C ASP B 86 17.45 31.20 35.29
N THR B 87 17.48 30.47 36.39
CA THR B 87 17.99 29.10 36.36
C THR B 87 16.88 28.06 36.52
N SER B 88 15.65 28.46 36.28
CA SER B 88 14.57 27.46 36.18
C SER B 88 14.62 26.81 34.80
N MET B 89 14.01 25.65 34.66
CA MET B 89 13.96 24.95 33.37
C MET B 89 13.35 25.81 32.28
N GLU B 90 12.25 26.51 32.59
CA GLU B 90 11.65 27.47 31.66
C GLU B 90 12.63 28.56 31.25
N ALA B 91 13.30 29.14 32.24
CA ALA B 91 14.26 30.20 32.03
C ALA B 91 15.42 29.74 31.12
N ILE B 92 15.94 28.55 31.37
CA ILE B 92 17.06 28.02 30.58
C ILE B 92 16.59 27.72 29.14
N ARG B 93 15.43 27.10 28.99
CA ARG B 93 14.87 26.86 27.66
C ARG B 93 14.71 28.16 26.87
N ASP B 94 14.01 29.13 27.48
CA ASP B 94 13.68 30.39 26.83
C ASP B 94 14.95 31.15 26.46
N ALA B 95 15.94 31.14 27.35
CA ALA B 95 17.20 31.84 27.10
C ALA B 95 17.95 31.25 25.91
N ILE B 96 17.95 29.91 25.82
CA ILE B 96 18.63 29.23 24.73
C ILE B 96 17.93 29.51 23.41
N ASN B 97 16.61 29.32 23.39
CA ASN B 97 15.87 29.49 22.15
C ASN B 97 15.80 30.94 21.71
N ASP B 98 15.74 31.85 22.69
CA ASP B 98 15.68 33.28 22.38
C ASP B 98 16.97 33.72 21.67
N ALA B 99 18.07 33.04 21.94
CA ALA B 99 19.35 33.31 21.24
C ALA B 99 19.26 32.94 19.75
N ASP B 100 18.38 32.00 19.42
CA ASP B 100 18.05 31.65 18.03
C ASP B 100 19.33 31.35 17.25
N SER B 101 20.14 30.47 17.80
CA SER B 101 21.48 30.25 17.33
C SER B 101 21.74 28.78 17.02
N GLY B 102 20.75 28.08 16.50
CA GLY B 102 20.95 26.71 16.01
C GLY B 102 20.91 25.62 17.06
N ILE B 103 20.65 26.01 18.31
CA ILE B 103 20.40 25.06 19.37
C ILE B 103 18.96 25.23 19.86
N ALA B 104 18.22 24.13 19.90
CA ALA B 104 16.82 24.16 20.25
C ALA B 104 16.65 23.53 21.62
N ALA B 105 16.04 24.27 22.53
CA ALA B 105 15.80 23.79 23.90
C ALA B 105 14.33 23.40 24.01
N SER B 106 14.10 22.21 24.53
CA SER B 106 12.73 21.74 24.71
C SER B 106 12.55 20.98 26.02
N ILE B 107 11.37 21.13 26.62
CA ILE B 107 11.03 20.46 27.87
C ILE B 107 10.18 19.22 27.60
N VAL B 108 10.58 18.09 28.18
CA VAL B 108 9.84 16.86 28.05
C VAL B 108 9.15 16.64 29.37
N LYS B 109 7.84 16.50 29.33
CA LYS B 109 7.09 16.10 30.49
C LYS B 109 7.00 14.58 30.46
N VAL B 110 7.67 13.90 31.39
CA VAL B 110 7.73 12.45 31.30
C VAL B 110 6.46 11.87 31.87
N LYS B 111 5.96 12.50 32.93
CA LYS B 111 4.62 12.23 33.48
C LYS B 111 4.32 13.38 34.43
N GLU B 112 3.21 13.31 35.16
CA GLU B 112 2.88 14.35 36.10
C GLU B 112 4.03 14.63 37.08
N ASN B 113 4.40 15.90 37.19
CA ASN B 113 5.46 16.32 38.08
C ASN B 113 6.85 15.73 37.81
N GLU B 114 7.15 15.33 36.57
CA GLU B 114 8.49 14.85 36.21
C GLU B 114 8.83 15.50 34.89
N PHE B 115 9.66 16.53 34.95
CA PHE B 115 10.08 17.26 33.74
C PHE B 115 11.57 17.13 33.52
N GLN B 116 11.97 17.16 32.25
CA GLN B 116 13.34 16.90 31.81
C GLN B 116 13.69 17.85 30.66
N LEU B 117 14.93 18.33 30.60
CA LEU B 117 15.33 19.30 29.57
C LEU B 117 16.11 18.61 28.47
N VAL B 118 15.74 18.90 27.22
CA VAL B 118 16.43 18.37 26.04
C VAL B 118 17.01 19.53 25.23
N LEU B 119 18.24 19.34 24.76
CA LEU B 119 18.89 20.29 23.85
C LEU B 119 19.15 19.60 22.52
N THR B 120 18.67 20.17 21.43
CA THR B 120 18.91 19.59 20.12
C THR B 120 19.72 20.56 19.23
N ALA B 121 20.78 20.06 18.60
CA ALA B 121 21.58 20.85 17.64
C ALA B 121 21.03 20.65 16.24
N ASN B 122 21.59 21.36 15.27
CA ASN B 122 21.34 21.03 13.87
C ASN B 122 22.08 19.74 13.51
N SER B 123 21.76 19.18 12.35
CA SER B 123 22.32 17.90 11.96
C SER B 123 23.82 17.99 11.66
N GLY B 124 24.49 16.84 11.74
CA GLY B 124 25.88 16.74 11.33
C GLY B 124 26.90 16.74 12.46
N THR B 125 28.05 16.11 12.19
CA THR B 125 29.08 15.94 13.20
C THR B 125 29.83 17.24 13.53
N ASP B 126 29.74 18.25 12.66
CA ASP B 126 30.24 19.59 13.00
C ASP B 126 29.41 20.26 14.08
N ASN B 127 28.19 19.77 14.34
CA ASN B 127 27.32 20.36 15.35
C ASN B 127 27.24 19.58 16.67
N THR B 128 28.12 18.61 16.90
CA THR B 128 28.20 18.01 18.23
C THR B 128 28.60 19.08 19.23
N MET B 129 28.14 18.93 20.46
CA MET B 129 28.20 19.98 21.47
C MET B 129 29.16 19.63 22.60
N LYS B 130 29.90 20.64 23.04
CA LYS B 130 30.53 20.63 24.36
C LYS B 130 29.84 21.73 25.15
N ILE B 131 29.16 21.33 26.22
CA ILE B 131 28.47 22.27 27.10
C ILE B 131 29.25 22.37 28.41
N THR B 132 29.52 23.61 28.83
CA THR B 132 30.03 23.90 30.15
C THR B 132 29.20 25.04 30.73
N VAL B 133 29.16 25.15 32.07
CA VAL B 133 28.56 26.30 32.73
C VAL B 133 29.62 27.03 33.56
N GLU B 134 29.84 28.30 33.24
CA GLU B 134 30.82 29.15 33.92
C GLU B 134 30.16 29.77 35.15
N GLY B 135 30.74 29.54 36.34
CA GLY B 135 30.33 30.27 37.55
C GLY B 135 29.23 29.68 38.42
N ASP B 136 28.70 28.52 38.04
CA ASP B 136 27.61 27.87 38.79
C ASP B 136 27.75 26.36 38.69
N THR B 137 28.38 25.78 39.69
CA THR B 137 28.69 24.34 39.69
C THR B 137 27.44 23.46 39.73
N LYS B 138 26.39 23.92 40.39
CA LYS B 138 25.15 23.15 40.46
C LYS B 138 24.55 22.99 39.06
N LEU B 139 24.53 24.09 38.32
CA LEU B 139 24.01 24.08 36.96
C LEU B 139 24.99 23.37 36.02
N ASN B 140 26.28 23.37 36.34
CA ASN B 140 27.25 22.59 35.57
C ASN B 140 27.02 21.09 35.80
N ASP B 141 26.86 20.68 37.05
CA ASP B 141 26.46 19.28 37.37
C ASP B 141 25.21 18.81 36.60
N LEU B 142 24.36 19.74 36.18
CA LEU B 142 23.16 19.41 35.43
C LEU B 142 23.42 19.37 33.93
N LEU B 143 24.10 20.38 33.41
CA LEU B 143 24.18 20.61 31.96
C LEU B 143 25.50 20.23 31.29
N ALA B 144 26.57 19.97 32.04
CA ALA B 144 27.88 19.73 31.43
C ALA B 144 27.88 18.50 30.51
N TYR B 145 28.46 18.66 29.32
CA TYR B 145 28.61 17.54 28.39
C TYR B 145 29.78 17.78 27.45
N ASP B 146 30.49 16.71 27.09
CA ASP B 146 31.61 16.76 26.17
C ASP B 146 31.47 15.65 25.12
N SER B 147 31.28 16.05 23.87
CA SER B 147 31.06 15.08 22.80
C SER B 147 32.33 14.38 22.41
N THR B 148 33.44 15.12 22.44
CA THR B 148 34.78 14.63 22.12
C THR B 148 35.20 13.33 22.86
N THR B 149 34.74 13.18 24.10
CA THR B 149 35.00 11.96 24.87
C THR B 149 33.71 11.20 25.13
N ASN B 150 32.60 11.70 24.57
CA ASN B 150 31.27 11.18 24.82
C ASN B 150 31.04 10.88 26.30
N THR B 151 31.39 11.84 27.15
CA THR B 151 31.08 11.77 28.57
C THR B 151 30.42 13.04 29.04
N GLY B 152 29.75 12.95 30.19
CA GLY B 152 29.28 14.14 30.86
C GLY B 152 28.14 13.91 31.82
N ASN B 153 27.50 15.00 32.20
CA ASN B 153 26.38 14.96 33.11
C ASN B 153 25.05 14.84 32.41
N MET B 154 24.99 15.31 31.16
CA MET B 154 23.87 15.00 30.29
C MET B 154 24.11 13.67 29.59
N GLN B 155 23.05 13.16 28.96
CA GLN B 155 23.08 11.88 28.27
C GLN B 155 22.69 12.08 26.81
N GLU B 156 23.32 11.32 25.92
CA GLU B 156 23.07 11.48 24.49
C GLU B 156 21.84 10.68 24.12
N LEU B 157 20.81 11.36 23.64
CA LEU B 157 19.61 10.68 23.17
C LEU B 157 19.76 10.26 21.72
N VAL B 158 20.30 11.16 20.90
CA VAL B 158 20.49 10.90 19.48
C VAL B 158 21.91 11.28 19.08
N LYS B 159 22.61 10.35 18.47
CA LYS B 159 23.97 10.57 17.99
C LYS B 159 23.97 11.39 16.70
N ALA B 160 24.88 12.36 16.64
CA ALA B 160 25.13 13.16 15.43
C ALA B 160 25.72 12.27 14.36
N GLU B 161 25.32 12.52 13.12
CA GLU B 161 25.68 11.65 12.03
C GLU B 161 25.64 12.47 10.75
N ASN B 162 26.54 12.18 9.81
CA ASN B 162 26.56 12.87 8.52
C ASN B 162 25.86 12.03 7.45
N ALA B 163 25.23 12.72 6.49
CA ALA B 163 24.72 12.07 5.30
C ALA B 163 25.89 11.52 4.47
N LYS B 164 25.77 10.26 4.06
CA LYS B 164 26.76 9.61 3.23
C LYS B 164 26.03 9.05 2.03
N LEU B 165 26.44 9.46 0.83
CA LEU B 165 25.82 8.98 -0.38
C LEU B 165 26.82 8.86 -1.52
N ASN B 166 26.39 8.21 -2.59
CA ASN B 166 27.24 7.92 -3.72
C ASN B 166 26.53 8.35 -5.00
N VAL B 167 27.10 9.32 -5.71
CA VAL B 167 26.49 9.87 -6.93
C VAL B 167 27.31 9.51 -8.15
N ASN B 168 26.79 8.62 -8.98
CA ASN B 168 27.54 8.10 -10.12
C ASN B 168 28.96 7.72 -9.71
N GLY B 169 29.07 6.95 -8.64
CA GLY B 169 30.36 6.39 -8.21
C GLY B 169 31.26 7.27 -7.36
N ILE B 170 30.83 8.49 -7.05
CA ILE B 170 31.59 9.40 -6.20
C ILE B 170 31.03 9.42 -4.76
N ASP B 171 31.86 9.03 -3.80
CA ASP B 171 31.50 9.07 -2.39
C ASP B 171 31.41 10.51 -1.91
N ILE B 172 30.23 10.87 -1.37
CA ILE B 172 29.93 12.20 -0.87
C ILE B 172 29.48 12.13 0.60
N GLU B 173 29.88 13.14 1.37
CA GLU B 173 29.50 13.28 2.77
C GLU B 173 29.08 14.72 3.01
N ARG B 174 27.87 14.92 3.52
CA ARG B 174 27.33 16.26 3.82
C ARG B 174 26.85 16.35 5.26
N GLN B 175 26.74 17.59 5.76
CA GLN B 175 26.27 17.83 7.13
C GLN B 175 24.74 17.76 7.25
N SER B 176 24.05 17.75 6.13
CA SER B 176 22.61 17.87 6.12
C SER B 176 22.02 16.89 5.11
N ASN B 177 20.73 16.61 5.24
CA ASN B 177 19.99 15.76 4.30
C ASN B 177 19.41 16.53 3.09
N THR B 178 19.58 17.85 3.10
CA THR B 178 19.39 18.66 1.90
C THR B 178 20.77 18.80 1.24
N VAL B 179 20.99 18.03 0.17
CA VAL B 179 22.32 17.90 -0.48
C VAL B 179 22.39 18.67 -1.79
N THR B 180 23.28 19.65 -1.85
CA THR B 180 23.50 20.41 -3.09
C THR B 180 24.89 20.15 -3.66
N ASP B 181 25.10 20.63 -4.88
CA ASP B 181 26.39 20.57 -5.55
C ASP B 181 26.93 19.13 -5.71
N ALA B 182 26.02 18.17 -5.83
CA ALA B 182 26.39 16.79 -6.12
C ALA B 182 25.40 16.13 -7.07
N PRO B 183 25.29 16.63 -8.32
CA PRO B 183 26.09 17.68 -8.91
C PRO B 183 25.49 19.08 -8.78
N GLN B 184 26.31 20.08 -9.07
CA GLN B 184 25.85 21.45 -9.19
C GLN B 184 24.63 21.49 -10.09
N GLY B 185 23.60 22.21 -9.66
CA GLY B 185 22.35 22.31 -10.40
C GLY B 185 21.29 21.33 -9.93
N ILE B 186 21.59 20.58 -8.88
CA ILE B 186 20.64 19.62 -8.33
C ILE B 186 20.64 19.66 -6.81
N THR B 187 19.44 19.57 -6.25
CA THR B 187 19.23 19.49 -4.81
C THR B 187 18.58 18.16 -4.50
N LEU B 188 19.25 17.35 -3.68
CA LEU B 188 18.70 16.07 -3.25
C LEU B 188 18.24 16.17 -1.80
N THR B 189 17.01 15.76 -1.51
CA THR B 189 16.55 15.65 -0.13
C THR B 189 16.46 14.18 0.24
N LEU B 190 17.22 13.76 1.24
CA LEU B 190 17.30 12.35 1.62
C LEU B 190 16.33 12.09 2.76
N THR B 191 15.48 11.08 2.61
CA THR B 191 14.54 10.70 3.66
C THR B 191 14.77 9.28 4.19
N LYS B 192 15.40 8.43 3.37
CA LYS B 192 15.66 7.04 3.71
C LYS B 192 16.91 6.54 2.98
N LYS B 193 17.54 5.51 3.51
CA LYS B 193 18.63 4.82 2.83
C LYS B 193 18.07 4.10 1.61
N VAL B 194 18.74 4.23 0.46
CA VAL B 194 18.26 3.64 -0.79
C VAL B 194 19.40 3.04 -1.62
N THR B 195 19.09 2.01 -2.39
CA THR B 195 20.08 1.29 -3.16
C THR B 195 19.76 1.36 -4.66
N ASP B 196 20.75 1.81 -5.43
CA ASP B 196 20.67 1.86 -6.90
C ASP B 196 19.44 2.60 -7.39
N ALA B 197 19.17 3.77 -6.82
CA ALA B 197 18.14 4.66 -7.36
C ALA B 197 18.74 5.47 -8.50
N THR B 198 17.89 5.89 -9.43
CA THR B 198 18.30 6.73 -10.55
C THR B 198 17.48 8.02 -10.52
N VAL B 199 18.17 9.14 -10.63
CA VAL B 199 17.55 10.45 -10.78
C VAL B 199 17.83 10.82 -12.22
N THR B 200 16.88 11.49 -12.87
CA THR B 200 17.04 11.85 -14.28
C THR B 200 16.56 13.28 -14.55
N VAL B 201 17.38 14.04 -15.27
CA VAL B 201 17.09 15.42 -15.63
C VAL B 201 16.94 15.58 -17.15
N THR B 202 15.92 16.33 -17.57
CA THR B 202 15.76 16.73 -18.98
C THR B 202 15.18 18.14 -19.08
N SER C 8 -7.76 -1.92 -29.76
CA SER C 8 -6.79 -1.28 -28.82
C SER C 8 -6.28 -2.29 -27.77
N THR C 9 -5.41 -1.81 -26.87
CA THR C 9 -4.76 -2.66 -25.89
C THR C 9 -4.54 -1.93 -24.55
N VAL C 10 -4.54 -2.70 -23.46
CA VAL C 10 -4.25 -2.22 -22.12
C VAL C 10 -3.30 -3.24 -21.48
N ALA C 11 -2.30 -2.78 -20.72
CA ALA C 11 -1.37 -3.68 -20.03
C ALA C 11 -1.17 -3.37 -18.55
N SER C 12 -0.95 -4.41 -17.76
CA SER C 12 -0.71 -4.27 -16.32
C SER C 12 0.46 -5.12 -15.82
N SER C 13 0.97 -4.78 -14.64
CA SER C 13 2.07 -5.50 -14.01
C SER C 13 1.71 -5.90 -12.60
N THR C 14 2.18 -7.07 -12.17
CA THR C 14 2.01 -7.51 -10.78
C THR C 14 2.89 -6.74 -9.79
N THR C 15 3.84 -5.96 -10.32
CA THR C 15 4.74 -5.16 -9.49
C THR C 15 4.94 -3.76 -10.06
N GLU C 16 4.89 -2.76 -9.19
CA GLU C 16 5.11 -1.37 -9.58
C GLU C 16 6.58 -1.11 -9.93
N ASP C 17 7.45 -2.04 -9.54
CA ASP C 17 8.88 -1.98 -9.88
C ASP C 17 9.16 -2.35 -11.35
N LEU C 18 8.10 -2.67 -12.11
CA LEU C 18 8.21 -2.97 -13.55
C LEU C 18 7.03 -2.31 -14.29
N LYS C 19 7.29 -1.22 -15.02
CA LYS C 19 6.23 -0.45 -15.67
C LYS C 19 6.08 -0.87 -17.13
N VAL C 20 4.83 -0.88 -17.60
CA VAL C 20 4.54 -1.38 -18.94
C VAL C 20 3.75 -0.35 -19.71
N SER C 21 3.92 -0.40 -21.02
CA SER C 21 3.13 0.39 -21.94
C SER C 21 2.95 -0.45 -23.20
N THR C 22 1.88 -0.20 -23.94
CA THR C 22 1.67 -0.91 -25.19
C THR C 22 1.31 0.03 -26.29
N THR C 23 1.45 -0.47 -27.50
CA THR C 23 0.86 0.13 -28.67
C THR C 23 -0.56 -0.42 -28.80
N ALA C 24 -1.22 -0.12 -29.92
CA ALA C 24 -2.48 -0.77 -30.29
C ALA C 24 -2.22 -2.17 -30.93
N GLY C 25 -1.13 -2.29 -31.70
CA GLY C 25 -0.75 -3.56 -32.33
C GLY C 25 -0.23 -4.69 -31.42
N ALA C 26 -0.12 -4.44 -30.12
CA ALA C 26 0.44 -5.43 -29.19
C ALA C 26 -0.51 -6.60 -29.01
N ALA C 27 0.00 -7.81 -29.21
CA ALA C 27 -0.79 -9.04 -29.06
C ALA C 27 -1.14 -9.26 -27.60
N ALA C 28 -2.38 -9.65 -27.35
CA ALA C 28 -2.82 -10.05 -26.01
C ALA C 28 -1.98 -11.24 -25.54
N GLY C 29 -1.80 -11.36 -24.24
CA GLY C 29 -1.04 -12.47 -23.69
C GLY C 29 -0.55 -12.21 -22.29
N THR C 30 0.14 -13.19 -21.73
CA THR C 30 0.70 -13.11 -20.40
C THR C 30 2.22 -13.25 -20.53
N TYR C 31 2.97 -12.41 -19.83
CA TYR C 31 4.43 -12.47 -19.91
C TYR C 31 5.04 -12.64 -18.52
N LYS C 32 5.62 -13.81 -18.27
CA LYS C 32 6.39 -14.06 -17.04
C LYS C 32 7.77 -13.43 -17.21
N ILE C 33 8.13 -12.54 -16.30
CA ILE C 33 9.31 -11.71 -16.45
C ILE C 33 10.26 -11.84 -15.27
N ASN C 34 11.52 -12.13 -15.56
CA ASN C 34 12.61 -12.02 -14.60
C ASN C 34 13.65 -11.02 -15.10
N VAL C 35 14.02 -10.07 -14.23
CA VAL C 35 15.05 -9.09 -14.54
C VAL C 35 16.26 -9.41 -13.69
N THR C 36 17.32 -9.90 -14.33
CA THR C 36 18.54 -10.31 -13.65
C THR C 36 19.65 -9.26 -13.65
N GLN C 37 19.52 -8.23 -14.47
CA GLN C 37 20.50 -7.14 -14.48
C GLN C 37 19.94 -5.87 -15.11
N LEU C 38 20.13 -4.73 -14.45
CA LEU C 38 19.72 -3.45 -15.00
C LEU C 38 20.81 -2.89 -15.89
N ALA C 39 20.41 -2.20 -16.96
CA ALA C 39 21.34 -1.45 -17.79
C ALA C 39 22.02 -0.36 -16.98
N ALA C 40 23.28 -0.07 -17.30
CA ALA C 40 24.01 0.98 -16.59
C ALA C 40 24.90 1.81 -17.53
N ALA C 41 25.09 3.07 -17.17
CA ALA C 41 25.82 4.03 -17.99
C ALA C 41 27.24 4.26 -17.45
N GLN C 42 28.24 4.02 -18.29
CA GLN C 42 29.62 4.32 -17.96
C GLN C 42 29.73 5.74 -17.45
N SER C 43 30.40 5.92 -16.32
CA SER C 43 30.62 7.25 -15.80
C SER C 43 32.10 7.42 -15.54
N LEU C 44 32.72 8.44 -16.16
CA LEU C 44 34.15 8.72 -15.99
C LEU C 44 34.36 10.00 -15.20
N ALA C 45 35.41 10.05 -14.39
CA ALA C 45 35.76 11.24 -13.60
C ALA C 45 37.24 11.57 -13.70
N THR C 46 37.59 12.85 -13.57
CA THR C 46 38.97 13.24 -13.47
C THR C 46 39.57 12.56 -12.26
N LYS C 47 40.87 12.27 -12.32
CA LYS C 47 41.55 11.55 -11.27
C LYS C 47 41.78 12.41 -10.03
N THR C 48 41.89 13.72 -10.23
CA THR C 48 42.07 14.66 -9.12
C THR C 48 40.87 15.59 -9.04
N THR C 49 40.81 16.34 -7.95
CA THR C 49 39.85 17.41 -7.83
C THR C 49 40.58 18.73 -8.03
N PHE C 50 39.83 19.83 -8.05
CA PHE C 50 40.39 21.15 -8.29
C PHE C 50 39.76 22.16 -7.37
N ALA C 51 40.48 23.25 -7.10
CA ALA C 51 40.08 24.22 -6.09
C ALA C 51 38.85 25.01 -6.50
N THR C 52 38.71 25.29 -7.80
CA THR C 52 37.58 26.06 -8.32
C THR C 52 37.14 25.48 -9.67
N THR C 53 35.97 25.91 -10.13
CA THR C 53 35.44 25.51 -11.42
C THR C 53 35.84 26.49 -12.52
N LYS C 54 36.44 27.62 -12.16
CA LYS C 54 36.75 28.68 -13.12
C LYS C 54 38.23 28.75 -13.52
N GLU C 55 39.11 28.06 -12.78
CA GLU C 55 40.53 28.01 -13.13
C GLU C 55 40.74 27.12 -14.36
N GLN C 56 41.70 27.51 -15.18
CA GLN C 56 41.97 26.89 -16.46
C GLN C 56 42.69 25.57 -16.26
N LEU C 57 42.11 24.50 -16.82
CA LEU C 57 42.64 23.16 -16.62
C LEU C 57 43.52 22.75 -17.77
N GLY C 58 43.58 23.57 -18.82
CA GLY C 58 44.30 23.24 -20.03
C GLY C 58 45.31 24.29 -20.43
N ASP C 59 46.00 24.04 -21.53
CA ASP C 59 47.08 24.92 -21.98
C ASP C 59 46.54 26.26 -22.47
N THR C 60 46.77 27.30 -21.68
CA THR C 60 46.32 28.65 -22.01
C THR C 60 47.07 29.27 -23.20
N SER C 61 48.08 28.57 -23.72
CA SER C 61 48.87 29.05 -24.86
C SER C 61 48.24 28.72 -26.23
N VAL C 62 47.32 27.73 -26.25
CA VAL C 62 46.63 27.36 -27.50
C VAL C 62 45.18 27.88 -27.51
N THR C 63 44.75 28.38 -28.66
CA THR C 63 43.46 29.06 -28.76
C THR C 63 42.33 28.02 -28.92
N SER C 64 42.50 27.08 -29.85
CA SER C 64 41.53 26.00 -30.00
C SER C 64 42.12 24.62 -29.75
N ARG C 65 41.27 23.71 -29.27
CA ARG C 65 41.60 22.30 -29.16
C ARG C 65 40.32 21.52 -29.33
N THR C 66 40.44 20.21 -29.52
CA THR C 66 39.29 19.39 -29.79
C THR C 66 39.23 18.16 -28.85
N ILE C 67 38.12 18.00 -28.15
CA ILE C 67 37.85 16.78 -27.41
C ILE C 67 37.16 15.82 -28.37
N LYS C 68 37.73 14.64 -28.53
CA LYS C 68 37.18 13.63 -29.44
C LYS C 68 36.70 12.46 -28.59
N ILE C 69 35.43 12.13 -28.70
CA ILE C 69 34.88 11.02 -27.94
C ILE C 69 34.39 9.99 -28.93
N GLU C 70 34.86 8.76 -28.79
CA GLU C 70 34.42 7.67 -29.67
C GLU C 70 33.69 6.63 -28.83
N GLN C 71 32.68 6.00 -29.41
CA GLN C 71 31.96 4.93 -28.75
C GLN C 71 31.63 3.87 -29.79
N PRO C 72 31.61 2.59 -29.38
CA PRO C 72 31.26 1.49 -30.28
C PRO C 72 30.00 1.75 -31.12
N GLY C 73 28.96 2.32 -30.52
CA GLY C 73 27.67 2.46 -31.20
C GLY C 73 27.53 3.70 -32.06
N ARG C 74 28.56 4.54 -32.07
CA ARG C 74 28.52 5.85 -32.69
C ARG C 74 29.38 5.79 -33.93
N LYS C 75 28.76 6.07 -35.09
CA LYS C 75 29.45 5.96 -36.36
C LYS C 75 30.45 7.10 -36.57
N GLU C 76 29.99 8.34 -36.40
CA GLU C 76 30.83 9.54 -36.53
C GLU C 76 31.41 9.83 -35.14
N PRO C 77 32.74 9.99 -35.02
CA PRO C 77 33.22 10.39 -33.69
C PRO C 77 32.72 11.78 -33.29
N LEU C 78 32.38 11.95 -32.02
CA LEU C 78 31.91 13.23 -31.52
C LEU C 78 33.09 14.14 -31.27
N GLU C 79 33.03 15.35 -31.83
CA GLU C 79 34.11 16.33 -31.70
C GLU C 79 33.62 17.63 -31.06
N ILE C 80 34.20 17.98 -29.91
CA ILE C 80 33.81 19.18 -29.16
C ILE C 80 34.99 20.13 -29.05
N LYS C 81 34.84 21.31 -29.64
CA LYS C 81 35.94 22.26 -29.70
C LYS C 81 35.84 23.32 -28.61
N LEU C 82 36.94 23.54 -27.90
CA LEU C 82 37.01 24.62 -26.92
C LEU C 82 37.73 25.80 -27.54
N ASP C 83 36.95 26.71 -28.09
CA ASP C 83 37.44 27.67 -29.09
C ASP C 83 38.01 28.97 -28.51
N LYS C 84 37.57 29.33 -27.32
CA LYS C 84 37.82 30.68 -26.81
C LYS C 84 39.03 30.75 -25.87
N GLY C 85 39.87 29.73 -25.91
CA GLY C 85 41.01 29.63 -25.01
C GLY C 85 40.61 29.43 -23.55
N ASP C 86 39.35 29.03 -23.31
CA ASP C 86 38.83 28.84 -21.95
C ASP C 86 38.63 27.35 -21.68
N THR C 87 39.54 26.80 -20.87
CA THR C 87 39.57 25.39 -20.48
C THR C 87 39.13 25.16 -19.03
N SER C 88 38.34 26.05 -18.47
CA SER C 88 37.87 25.89 -17.10
C SER C 88 36.92 24.71 -17.02
N MET C 89 36.66 24.22 -15.82
CA MET C 89 35.78 23.08 -15.61
C MET C 89 34.36 23.43 -16.07
N GLU C 90 33.97 24.67 -15.85
CA GLU C 90 32.70 25.17 -16.35
C GLU C 90 32.69 25.13 -17.87
N ALA C 91 33.75 25.63 -18.50
CA ALA C 91 33.82 25.70 -19.96
C ALA C 91 33.73 24.31 -20.58
N ILE C 92 34.46 23.35 -20.00
CA ILE C 92 34.47 21.99 -20.49
C ILE C 92 33.08 21.37 -20.33
N ARG C 93 32.46 21.57 -19.18
CA ARG C 93 31.12 21.04 -18.94
C ARG C 93 30.15 21.61 -19.96
N ASP C 94 30.11 22.94 -20.06
CA ASP C 94 29.10 23.60 -20.87
C ASP C 94 29.27 23.28 -22.35
N ALA C 95 30.51 23.25 -22.84
CA ALA C 95 30.81 22.84 -24.22
C ALA C 95 30.35 21.41 -24.53
N ILE C 96 30.60 20.49 -23.60
CA ILE C 96 30.14 19.11 -23.77
C ILE C 96 28.61 19.02 -23.79
N ASN C 97 27.96 19.51 -22.75
CA ASN C 97 26.50 19.47 -22.68
C ASN C 97 25.80 20.19 -23.85
N ASP C 98 26.37 21.31 -24.30
CA ASP C 98 25.74 22.09 -25.36
C ASP C 98 25.78 21.37 -26.70
N ALA C 99 26.73 20.45 -26.84
CA ALA C 99 26.80 19.57 -28.01
C ALA C 99 25.58 18.64 -28.10
N ASP C 100 24.98 18.32 -26.95
CA ASP C 100 23.73 17.57 -26.86
C ASP C 100 23.78 16.30 -27.73
N SER C 101 24.78 15.47 -27.45
CA SER C 101 25.01 14.27 -28.23
C SER C 101 25.18 13.01 -27.36
N GLY C 102 24.36 12.87 -26.34
CA GLY C 102 24.38 11.67 -25.51
C GLY C 102 25.57 11.55 -24.57
N ILE C 103 26.20 12.67 -24.25
CA ILE C 103 27.29 12.70 -23.29
C ILE C 103 26.97 13.84 -22.34
N ALA C 104 26.85 13.56 -21.05
CA ALA C 104 26.48 14.58 -20.09
C ALA C 104 27.65 14.84 -19.18
N ALA C 105 28.08 16.10 -19.11
CA ALA C 105 29.14 16.49 -18.19
C ALA C 105 28.51 17.13 -16.97
N SER C 106 29.09 16.87 -15.79
CA SER C 106 28.58 17.44 -14.57
C SER C 106 29.72 17.64 -13.58
N ILE C 107 29.51 18.56 -12.65
CA ILE C 107 30.53 18.86 -11.65
C ILE C 107 30.02 18.45 -10.27
N VAL C 108 30.84 17.70 -9.53
CA VAL C 108 30.52 17.29 -8.19
C VAL C 108 31.47 17.98 -7.22
N LYS C 109 30.93 18.74 -6.29
CA LYS C 109 31.73 19.26 -5.18
C LYS C 109 31.82 18.17 -4.13
N VAL C 110 32.95 17.46 -4.04
CA VAL C 110 33.07 16.44 -2.99
C VAL C 110 33.16 17.11 -1.62
N LYS C 111 33.91 18.21 -1.54
CA LYS C 111 33.88 19.09 -0.36
C LYS C 111 34.46 20.47 -0.75
N GLU C 112 34.58 21.39 0.20
CA GLU C 112 35.05 22.75 -0.09
C GLU C 112 36.39 22.71 -0.81
N ASN C 113 36.47 23.41 -1.94
CA ASN C 113 37.67 23.49 -2.78
C ASN C 113 38.15 22.14 -3.34
N GLU C 114 37.21 21.22 -3.54
CA GLU C 114 37.48 19.95 -4.22
C GLU C 114 36.36 19.63 -5.22
N PHE C 115 36.51 20.16 -6.42
CA PHE C 115 35.53 19.94 -7.48
C PHE C 115 36.05 18.90 -8.46
N GLN C 116 35.13 18.14 -9.06
CA GLN C 116 35.49 16.96 -9.84
C GLN C 116 34.60 16.89 -11.05
N LEU C 117 35.18 16.69 -12.23
CA LEU C 117 34.43 16.61 -13.47
C LEU C 117 34.07 15.17 -13.79
N VAL C 118 32.80 14.96 -14.10
CA VAL C 118 32.28 13.65 -14.44
C VAL C 118 31.67 13.73 -15.84
N LEU C 119 32.07 12.81 -16.74
CA LEU C 119 31.38 12.60 -18.01
C LEU C 119 30.61 11.30 -17.92
N THR C 120 29.34 11.33 -18.31
CA THR C 120 28.49 10.15 -18.24
C THR C 120 27.76 9.97 -19.54
N ALA C 121 27.84 8.76 -20.10
CA ALA C 121 27.22 8.42 -21.38
C ALA C 121 25.84 7.87 -21.14
N ASN C 122 25.13 7.59 -22.24
CA ASN C 122 23.92 6.81 -22.20
C ASN C 122 24.26 5.40 -21.78
N SER C 123 23.28 4.70 -21.23
CA SER C 123 23.51 3.37 -20.72
C SER C 123 23.88 2.37 -21.81
N GLY C 124 24.63 1.35 -21.40
CA GLY C 124 24.93 0.21 -22.25
C GLY C 124 26.39 0.14 -22.66
N THR C 125 26.83 -1.08 -22.98
CA THR C 125 28.22 -1.32 -23.35
C THR C 125 28.60 -0.65 -24.68
N ASP C 126 27.62 -0.40 -25.55
CA ASP C 126 27.87 0.28 -26.83
C ASP C 126 28.31 1.72 -26.66
N ASN C 127 28.02 2.30 -25.50
CA ASN C 127 28.29 3.70 -25.25
C ASN C 127 29.50 3.93 -24.35
N THR C 128 30.34 2.92 -24.17
CA THR C 128 31.64 3.13 -23.49
C THR C 128 32.52 4.06 -24.34
N MET C 129 33.32 4.88 -23.67
CA MET C 129 33.90 6.07 -24.29
C MET C 129 35.41 5.98 -24.44
N LYS C 130 35.88 6.42 -25.61
CA LYS C 130 37.30 6.66 -25.86
C LYS C 130 37.47 8.15 -26.13
N ILE C 131 38.18 8.80 -25.22
CA ILE C 131 38.35 10.23 -25.21
C ILE C 131 39.82 10.54 -25.47
N THR C 132 40.06 11.45 -26.41
CA THR C 132 41.38 12.00 -26.70
C THR C 132 41.20 13.50 -26.92
N VAL C 133 42.24 14.28 -26.65
CA VAL C 133 42.21 15.71 -26.92
C VAL C 133 43.25 16.03 -27.99
N GLU C 134 42.81 16.68 -29.06
CA GLU C 134 43.68 17.10 -30.17
C GLU C 134 44.15 18.54 -29.95
N GLY C 135 45.46 18.72 -29.75
CA GLY C 135 46.05 20.05 -29.69
C GLY C 135 46.21 20.68 -28.31
N ASP C 136 46.11 19.87 -27.26
CA ASP C 136 46.29 20.35 -25.89
C ASP C 136 46.70 19.18 -25.01
N THR C 137 48.00 18.95 -24.92
CA THR C 137 48.56 17.85 -24.12
C THR C 137 48.10 17.95 -22.68
N LYS C 138 48.06 19.17 -22.12
CA LYS C 138 47.57 19.37 -20.76
C LYS C 138 46.13 18.90 -20.55
N LEU C 139 45.28 19.15 -21.54
CA LEU C 139 43.88 18.76 -21.42
C LEU C 139 43.75 17.26 -21.69
N ASN C 140 44.59 16.75 -22.58
CA ASN C 140 44.70 15.32 -22.83
C ASN C 140 45.15 14.58 -21.56
N ASP C 141 46.12 15.14 -20.84
CA ASP C 141 46.58 14.53 -19.58
C ASP C 141 45.50 14.52 -18.49
N LEU C 142 44.44 15.29 -18.70
CA LEU C 142 43.30 15.31 -17.78
C LEU C 142 42.13 14.43 -18.27
N LEU C 143 41.76 14.53 -19.54
CA LEU C 143 40.49 13.94 -20.02
C LEU C 143 40.60 12.62 -20.79
N ALA C 144 41.79 12.28 -21.25
CA ALA C 144 41.96 11.06 -22.05
C ALA C 144 41.53 9.80 -21.30
N TYR C 145 40.80 8.94 -21.99
CA TYR C 145 40.48 7.61 -21.49
C TYR C 145 40.20 6.70 -22.67
N ASP C 146 40.54 5.43 -22.51
CA ASP C 146 40.38 4.42 -23.55
C ASP C 146 39.66 3.20 -22.94
N SER C 147 38.36 3.07 -23.17
CA SER C 147 37.58 1.96 -22.62
C SER C 147 37.91 0.62 -23.28
N THR C 148 38.39 0.68 -24.52
CA THR C 148 38.90 -0.50 -25.21
C THR C 148 39.86 -1.30 -24.34
N THR C 149 40.77 -0.60 -23.68
CA THR C 149 41.81 -1.20 -22.84
C THR C 149 41.67 -0.84 -21.35
N ASN C 150 40.60 -0.11 -21.00
CA ASN C 150 40.40 0.40 -19.64
C ASN C 150 41.69 0.98 -19.03
N THR C 151 42.35 1.80 -19.84
CA THR C 151 43.50 2.60 -19.44
C THR C 151 43.19 4.06 -19.76
N GLY C 152 43.88 4.98 -19.10
CA GLY C 152 43.70 6.42 -19.33
C GLY C 152 43.93 7.31 -18.12
N ASN C 153 43.73 8.61 -18.33
CA ASN C 153 43.94 9.63 -17.30
C ASN C 153 42.70 9.97 -16.48
N MET C 154 41.54 9.48 -16.92
CA MET C 154 40.33 9.57 -16.12
C MET C 154 40.15 8.22 -15.46
N GLN C 155 39.19 8.15 -14.56
CA GLN C 155 38.92 6.92 -13.84
C GLN C 155 37.48 6.51 -14.08
N GLU C 156 37.24 5.22 -14.20
CA GLU C 156 35.89 4.71 -14.40
C GLU C 156 35.24 4.60 -13.05
N LEU C 157 34.25 5.46 -12.79
CA LEU C 157 33.51 5.40 -11.54
C LEU C 157 32.30 4.47 -11.62
N VAL C 158 31.67 4.39 -12.80
CA VAL C 158 30.58 3.43 -12.99
C VAL C 158 30.81 2.65 -14.29
N LYS C 159 30.80 1.32 -14.17
CA LYS C 159 31.02 0.41 -15.27
C LYS C 159 29.72 0.31 -16.09
N ALA C 160 29.82 0.44 -17.41
CA ALA C 160 28.65 0.29 -18.29
C ALA C 160 28.19 -1.16 -18.27
N GLU C 161 26.88 -1.33 -18.23
CA GLU C 161 26.27 -2.66 -18.20
C GLU C 161 24.95 -2.64 -18.98
N ASN C 162 24.62 -3.78 -19.57
CA ASN C 162 23.37 -3.95 -20.32
C ASN C 162 22.25 -4.52 -19.46
N ALA C 163 21.02 -4.31 -19.89
CA ALA C 163 19.87 -4.87 -19.21
C ALA C 163 19.75 -6.33 -19.64
N LYS C 164 19.54 -7.22 -18.68
CA LYS C 164 19.35 -8.64 -18.95
C LYS C 164 18.07 -9.10 -18.28
N LEU C 165 17.12 -9.58 -19.07
CA LEU C 165 15.87 -10.05 -18.54
C LEU C 165 15.43 -11.28 -19.31
N ASN C 166 14.35 -11.87 -18.86
CA ASN C 166 13.85 -13.12 -19.38
C ASN C 166 12.33 -13.00 -19.48
N VAL C 167 11.80 -13.24 -20.67
CA VAL C 167 10.36 -13.11 -20.89
C VAL C 167 9.84 -14.45 -21.39
N ASN C 168 9.06 -15.13 -20.55
CA ASN C 168 8.54 -16.46 -20.85
C ASN C 168 9.63 -17.42 -21.32
N GLY C 169 10.77 -17.37 -20.63
CA GLY C 169 11.86 -18.29 -20.89
C GLY C 169 12.90 -17.85 -21.92
N ILE C 170 12.63 -16.77 -22.64
CA ILE C 170 13.57 -16.24 -23.61
C ILE C 170 14.41 -15.17 -22.96
N ASP C 171 15.73 -15.35 -23.00
CA ASP C 171 16.65 -14.32 -22.50
C ASP C 171 16.69 -13.13 -23.45
N ILE C 172 16.53 -11.94 -22.89
CA ILE C 172 16.55 -10.68 -23.64
C ILE C 172 17.72 -9.82 -23.16
N GLU C 173 18.34 -9.09 -24.09
CA GLU C 173 19.44 -8.18 -23.76
C GLU C 173 19.26 -6.84 -24.47
N ARG C 174 19.43 -5.75 -23.73
CA ARG C 174 19.33 -4.40 -24.29
C ARG C 174 20.36 -3.45 -23.71
N GLN C 175 20.58 -2.35 -24.42
CA GLN C 175 21.47 -1.29 -23.97
C GLN C 175 20.81 -0.36 -22.93
N SER C 176 19.48 -0.38 -22.87
CA SER C 176 18.73 0.53 -22.01
C SER C 176 17.70 -0.21 -21.16
N ASN C 177 17.28 0.43 -20.08
CA ASN C 177 16.25 -0.12 -19.20
C ASN C 177 14.82 0.07 -19.72
N THR C 178 14.70 0.80 -20.83
CA THR C 178 13.48 0.84 -21.64
C THR C 178 13.56 -0.26 -22.69
N VAL C 179 12.95 -1.40 -22.42
CA VAL C 179 12.99 -2.54 -23.34
C VAL C 179 11.79 -2.53 -24.27
N THR C 180 12.02 -2.43 -25.58
CA THR C 180 10.98 -2.61 -26.57
C THR C 180 11.29 -3.86 -27.38
N ASP C 181 10.36 -4.26 -28.24
CA ASP C 181 10.55 -5.37 -29.17
C ASP C 181 10.79 -6.72 -28.49
N ALA C 182 10.29 -6.88 -27.29
CA ALA C 182 10.38 -8.16 -26.60
C ALA C 182 9.08 -8.46 -25.86
N PRO C 183 7.97 -8.70 -26.60
CA PRO C 183 7.80 -8.68 -28.04
C PRO C 183 7.47 -7.28 -28.58
N GLN C 184 7.45 -7.14 -29.90
CA GLN C 184 7.01 -5.91 -30.51
C GLN C 184 5.63 -5.56 -29.94
N GLY C 185 5.42 -4.28 -29.66
CA GLY C 185 4.14 -3.82 -29.15
C GLY C 185 4.15 -3.48 -27.67
N ILE C 186 5.10 -4.05 -26.94
CA ILE C 186 5.23 -3.85 -25.51
C ILE C 186 6.47 -3.08 -25.18
N THR C 187 6.34 -2.12 -24.25
CA THR C 187 7.48 -1.35 -23.76
C THR C 187 7.58 -1.52 -22.26
N LEU C 188 8.70 -2.06 -21.79
CA LEU C 188 8.90 -2.26 -20.35
C LEU C 188 9.99 -1.32 -19.87
N THR C 189 9.71 -0.56 -18.81
CA THR C 189 10.73 0.26 -18.18
C THR C 189 11.17 -0.48 -16.94
N LEU C 190 12.45 -0.84 -16.86
CA LEU C 190 12.99 -1.55 -15.71
C LEU C 190 13.57 -0.57 -14.68
N THR C 191 13.15 -0.70 -13.43
CA THR C 191 13.70 0.11 -12.34
C THR C 191 14.40 -0.73 -11.28
N LYS C 192 14.23 -2.05 -11.34
CA LYS C 192 14.73 -2.94 -10.29
C LYS C 192 14.74 -4.38 -10.77
N LYS C 193 15.64 -5.18 -10.20
CA LYS C 193 15.64 -6.62 -10.44
C LYS C 193 14.35 -7.18 -9.84
N VAL C 194 13.65 -8.02 -10.61
CA VAL C 194 12.38 -8.59 -10.16
C VAL C 194 12.34 -10.08 -10.47
N THR C 195 11.58 -10.81 -9.67
CA THR C 195 11.50 -12.25 -9.75
C THR C 195 10.06 -12.65 -10.00
N ASP C 196 9.87 -13.48 -11.03
CA ASP C 196 8.55 -13.97 -11.44
C ASP C 196 7.44 -12.92 -11.32
N ALA C 197 7.67 -11.80 -12.01
CA ALA C 197 6.67 -10.77 -12.24
C ALA C 197 5.85 -11.22 -13.43
N THR C 198 4.59 -10.81 -13.49
CA THR C 198 3.76 -11.13 -14.62
C THR C 198 3.24 -9.85 -15.24
N VAL C 199 3.37 -9.75 -16.55
CA VAL C 199 2.76 -8.67 -17.29
C VAL C 199 1.67 -9.27 -18.16
N THR C 200 0.51 -8.63 -18.14
CA THR C 200 -0.65 -9.10 -18.87
C THR C 200 -1.10 -8.00 -19.81
N VAL C 201 -1.37 -8.37 -21.05
CA VAL C 201 -1.87 -7.46 -22.07
C VAL C 201 -3.19 -8.04 -22.55
N THR C 202 -4.25 -7.21 -22.52
CA THR C 202 -5.57 -7.63 -23.03
C THR C 202 -6.13 -6.61 -24.03
N LYS C 203 -6.95 -7.12 -24.96
CA LYS C 203 -7.49 -6.34 -26.08
C LYS C 203 -8.37 -5.19 -25.61
N VAL D 10 -27.47 -2.40 -10.22
CA VAL D 10 -26.08 -1.92 -9.95
C VAL D 10 -25.31 -2.94 -9.12
N ALA D 11 -24.00 -3.04 -9.37
CA ALA D 11 -23.15 -4.07 -8.72
C ALA D 11 -21.73 -3.61 -8.41
N SER D 12 -21.12 -4.26 -7.42
CA SER D 12 -19.86 -3.81 -6.85
C SER D 12 -19.04 -4.97 -6.28
N SER D 13 -17.77 -4.69 -5.97
CA SER D 13 -16.80 -5.72 -5.59
C SER D 13 -15.88 -5.24 -4.48
N THR D 14 -15.52 -6.15 -3.57
CA THR D 14 -14.64 -5.83 -2.45
C THR D 14 -13.17 -5.60 -2.82
N THR D 15 -12.77 -6.06 -4.00
CA THR D 15 -11.38 -5.91 -4.45
C THR D 15 -11.31 -5.36 -5.86
N GLU D 16 -10.43 -4.39 -6.07
CA GLU D 16 -10.19 -3.81 -7.39
C GLU D 16 -9.66 -4.85 -8.38
N ASP D 17 -9.17 -5.98 -7.87
CA ASP D 17 -8.66 -7.08 -8.69
C ASP D 17 -9.74 -7.97 -9.31
N LEU D 18 -11.00 -7.75 -8.95
CA LEU D 18 -12.12 -8.52 -9.53
C LEU D 18 -13.24 -7.55 -9.94
N LYS D 19 -13.37 -7.30 -11.24
CA LYS D 19 -14.37 -6.34 -11.73
C LYS D 19 -15.70 -7.04 -11.97
N VAL D 20 -16.78 -6.27 -11.88
CA VAL D 20 -18.13 -6.82 -12.05
C VAL D 20 -19.03 -5.86 -12.81
N SER D 21 -19.74 -6.39 -13.80
CA SER D 21 -20.81 -5.66 -14.49
C SER D 21 -22.11 -6.45 -14.35
N THR D 22 -23.24 -5.81 -14.67
CA THR D 22 -24.53 -6.48 -14.62
C THR D 22 -25.34 -6.25 -15.89
N THR D 23 -26.49 -6.92 -15.96
CA THR D 23 -27.51 -6.66 -16.99
C THR D 23 -28.80 -6.16 -16.31
N ALA D 24 -29.80 -5.81 -17.11
CA ALA D 24 -31.01 -5.14 -16.61
C ALA D 24 -31.94 -6.04 -15.78
N GLY D 25 -31.95 -7.34 -16.06
CA GLY D 25 -32.88 -8.27 -15.41
C GLY D 25 -32.22 -9.31 -14.50
N ALA D 26 -31.02 -9.00 -14.02
CA ALA D 26 -30.31 -9.86 -13.06
C ALA D 26 -30.93 -9.75 -11.67
N ALA D 27 -30.78 -10.80 -10.87
CA ALA D 27 -31.28 -10.81 -9.50
C ALA D 27 -30.30 -10.11 -8.58
N ALA D 28 -30.78 -9.63 -7.44
CA ALA D 28 -29.90 -9.13 -6.37
C ALA D 28 -29.17 -10.30 -5.71
N GLY D 29 -28.29 -9.99 -4.76
CA GLY D 29 -27.55 -11.02 -4.03
C GLY D 29 -26.14 -10.63 -3.64
N THR D 30 -25.50 -11.47 -2.83
CA THR D 30 -24.09 -11.33 -2.50
C THR D 30 -23.39 -12.68 -2.74
N TYR D 31 -22.28 -12.63 -3.48
CA TYR D 31 -21.58 -13.81 -3.95
C TYR D 31 -20.16 -13.87 -3.37
N LYS D 32 -19.86 -14.93 -2.60
CA LYS D 32 -18.51 -15.14 -2.10
C LYS D 32 -17.64 -15.86 -3.15
N ILE D 33 -16.68 -15.12 -3.73
CA ILE D 33 -15.86 -15.59 -4.85
C ILE D 33 -14.40 -15.87 -4.51
N ASN D 34 -13.94 -17.08 -4.83
CA ASN D 34 -12.51 -17.41 -4.84
C ASN D 34 -12.05 -17.71 -6.28
N VAL D 35 -11.03 -17.02 -6.76
CA VAL D 35 -10.44 -17.31 -8.09
C VAL D 35 -9.12 -18.07 -7.89
N THR D 36 -9.09 -19.34 -8.32
CA THR D 36 -7.94 -20.23 -8.09
C THR D 36 -7.00 -20.37 -9.29
N GLN D 37 -7.43 -19.91 -10.46
CA GLN D 37 -6.60 -19.96 -11.66
C GLN D 37 -7.11 -19.02 -12.76
N LEU D 38 -6.20 -18.21 -13.30
CA LEU D 38 -6.55 -17.33 -14.42
C LEU D 38 -6.38 -18.10 -15.71
N ALA D 39 -7.29 -17.87 -16.66
CA ALA D 39 -7.13 -18.40 -18.01
C ALA D 39 -5.85 -17.83 -18.63
N ALA D 40 -5.22 -18.63 -19.49
CA ALA D 40 -3.94 -18.29 -20.12
C ALA D 40 -3.93 -18.83 -21.55
N ALA D 41 -3.17 -18.18 -22.43
CA ALA D 41 -3.18 -18.51 -23.86
C ALA D 41 -1.89 -19.18 -24.28
N GLN D 42 -2.01 -20.29 -25.02
CA GLN D 42 -0.82 -20.96 -25.53
C GLN D 42 -0.05 -19.98 -26.40
N SER D 43 1.26 -19.90 -26.17
CA SER D 43 2.15 -19.08 -26.98
C SER D 43 3.34 -19.92 -27.38
N LEU D 44 3.68 -19.87 -28.67
CA LEU D 44 4.73 -20.68 -29.26
C LEU D 44 5.79 -19.81 -29.94
N ALA D 45 7.05 -20.25 -29.90
CA ALA D 45 8.13 -19.52 -30.57
C ALA D 45 9.00 -20.46 -31.39
N THR D 46 9.62 -19.93 -32.45
CA THR D 46 10.60 -20.68 -33.22
C THR D 46 11.80 -20.97 -32.33
N LYS D 47 12.35 -22.18 -32.44
CA LYS D 47 13.53 -22.54 -31.67
C LYS D 47 14.75 -21.76 -32.14
N THR D 48 14.82 -21.50 -33.45
CA THR D 48 15.97 -20.79 -33.99
C THR D 48 15.67 -19.30 -34.11
N THR D 49 16.74 -18.51 -34.15
CA THR D 49 16.64 -17.07 -34.28
C THR D 49 17.28 -16.67 -35.59
N PHE D 50 16.93 -15.48 -36.06
CA PHE D 50 17.40 -15.04 -37.35
C PHE D 50 18.01 -13.65 -37.30
N ALA D 51 18.90 -13.39 -38.24
CA ALA D 51 19.64 -12.13 -38.30
C ALA D 51 18.73 -10.94 -38.62
N THR D 52 17.81 -11.14 -39.56
CA THR D 52 16.90 -10.09 -39.97
C THR D 52 15.48 -10.63 -40.03
N THR D 53 14.54 -9.70 -39.96
CA THR D 53 13.12 -9.99 -40.10
C THR D 53 12.70 -10.01 -41.59
N LYS D 54 13.65 -9.74 -42.48
CA LYS D 54 13.38 -9.69 -43.91
C LYS D 54 13.99 -10.85 -44.70
N GLU D 55 14.92 -11.59 -44.09
CA GLU D 55 15.57 -12.71 -44.78
C GLU D 55 14.59 -13.86 -44.98
N GLN D 56 14.77 -14.61 -46.06
CA GLN D 56 13.83 -15.68 -46.41
C GLN D 56 14.02 -16.90 -45.52
N LEU D 57 13.00 -17.18 -44.69
CA LEU D 57 13.01 -18.33 -43.79
C LEU D 57 12.57 -19.61 -44.49
N GLY D 58 11.96 -19.49 -45.67
CA GLY D 58 11.45 -20.65 -46.40
C GLY D 58 12.30 -21.08 -47.58
N ASP D 59 11.76 -22.03 -48.33
CA ASP D 59 12.36 -22.48 -49.58
C ASP D 59 11.95 -21.48 -50.65
N THR D 60 12.94 -20.84 -51.27
CA THR D 60 12.70 -19.82 -52.28
C THR D 60 12.57 -20.40 -53.70
N SER D 61 12.54 -21.72 -53.81
CA SER D 61 12.29 -22.38 -55.11
C SER D 61 10.80 -22.62 -55.33
N VAL D 62 10.00 -22.48 -54.27
CA VAL D 62 8.55 -22.65 -54.34
C VAL D 62 7.83 -21.30 -54.29
N THR D 63 6.83 -21.14 -55.16
CA THR D 63 6.02 -19.91 -55.18
C THR D 63 4.95 -19.93 -54.09
N SER D 64 4.21 -21.03 -53.96
CA SER D 64 3.09 -21.12 -53.01
C SER D 64 3.26 -22.18 -51.92
N ARG D 65 2.86 -21.82 -50.72
CA ARG D 65 2.73 -22.75 -49.60
C ARG D 65 1.66 -22.22 -48.66
N THR D 66 1.14 -23.10 -47.82
CA THR D 66 0.11 -22.73 -46.85
C THR D 66 0.51 -23.15 -45.43
N ILE D 67 0.39 -22.24 -44.47
CA ILE D 67 0.50 -22.59 -43.06
C ILE D 67 -0.89 -23.01 -42.59
N LYS D 68 -0.98 -24.18 -41.98
CA LYS D 68 -2.26 -24.75 -41.58
C LYS D 68 -2.31 -24.84 -40.07
N ILE D 69 -3.27 -24.16 -39.46
CA ILE D 69 -3.39 -24.09 -38.01
C ILE D 69 -4.70 -24.73 -37.57
N GLU D 70 -4.62 -25.65 -36.62
CA GLU D 70 -5.78 -26.39 -36.13
C GLU D 70 -5.91 -26.21 -34.63
N GLN D 71 -7.12 -25.94 -34.18
CA GLN D 71 -7.42 -25.76 -32.77
C GLN D 71 -8.68 -26.55 -32.43
N PRO D 72 -8.71 -27.20 -31.26
CA PRO D 72 -9.90 -27.97 -30.85
C PRO D 72 -11.20 -27.16 -30.94
N GLY D 73 -11.13 -25.86 -30.69
CA GLY D 73 -12.31 -24.98 -30.78
C GLY D 73 -12.59 -24.35 -32.14
N ARG D 74 -11.80 -24.71 -33.15
CA ARG D 74 -11.94 -24.15 -34.50
C ARG D 74 -12.52 -25.23 -35.41
N LYS D 75 -13.68 -24.95 -36.01
CA LYS D 75 -14.35 -25.91 -36.88
C LYS D 75 -13.53 -26.20 -38.13
N GLU D 76 -13.33 -25.15 -38.94
CA GLU D 76 -12.63 -25.26 -40.22
C GLU D 76 -11.21 -24.72 -40.04
N PRO D 77 -10.18 -25.55 -40.30
CA PRO D 77 -8.77 -25.17 -40.10
C PRO D 77 -8.36 -23.89 -40.81
N LEU D 78 -7.60 -23.05 -40.10
CA LEU D 78 -7.10 -21.78 -40.62
C LEU D 78 -6.00 -21.99 -41.66
N GLU D 79 -6.22 -21.48 -42.87
CA GLU D 79 -5.26 -21.65 -43.95
C GLU D 79 -4.72 -20.29 -44.39
N ILE D 80 -3.44 -20.08 -44.11
CA ILE D 80 -2.72 -18.83 -44.42
C ILE D 80 -1.82 -19.04 -45.62
N LYS D 81 -2.22 -18.51 -46.76
CA LYS D 81 -1.47 -18.68 -47.99
C LYS D 81 -0.34 -17.66 -48.05
N LEU D 82 0.89 -18.14 -48.27
CA LEU D 82 2.03 -17.27 -48.56
C LEU D 82 2.36 -17.40 -50.05
N ASP D 83 1.65 -16.63 -50.85
CA ASP D 83 1.66 -16.74 -52.33
C ASP D 83 2.74 -15.91 -53.00
N LYS D 84 3.05 -14.73 -52.44
CA LYS D 84 3.89 -13.75 -53.13
C LYS D 84 5.40 -14.11 -53.19
N GLY D 85 5.72 -15.40 -53.05
CA GLY D 85 7.10 -15.88 -53.05
C GLY D 85 7.93 -15.46 -51.83
N ASP D 86 7.32 -14.78 -50.86
CA ASP D 86 8.07 -14.21 -49.74
C ASP D 86 7.78 -14.95 -48.45
N THR D 87 8.84 -15.49 -47.84
CA THR D 87 8.75 -16.18 -46.57
C THR D 87 9.60 -15.53 -45.50
N SER D 88 9.74 -14.22 -45.56
CA SER D 88 10.38 -13.48 -44.50
C SER D 88 9.55 -13.55 -43.20
N MET D 89 10.21 -13.30 -42.08
CA MET D 89 9.50 -13.26 -40.80
C MET D 89 8.42 -12.18 -40.82
N GLU D 90 8.73 -11.05 -41.44
CA GLU D 90 7.73 -9.99 -41.60
C GLU D 90 6.53 -10.46 -42.42
N ALA D 91 6.78 -11.12 -43.54
CA ALA D 91 5.71 -11.63 -44.39
C ALA D 91 4.81 -12.64 -43.65
N ILE D 92 5.42 -13.54 -42.90
CA ILE D 92 4.69 -14.57 -42.16
C ILE D 92 3.85 -13.93 -41.04
N ARG D 93 4.44 -12.99 -40.30
CA ARG D 93 3.70 -12.22 -39.30
C ARG D 93 2.53 -11.49 -39.94
N ASP D 94 2.81 -10.74 -40.99
CA ASP D 94 1.77 -9.98 -41.69
C ASP D 94 0.67 -10.89 -42.28
N ALA D 95 1.06 -12.03 -42.85
CA ALA D 95 0.11 -13.02 -43.34
C ALA D 95 -0.83 -13.54 -42.26
N ILE D 96 -0.27 -13.91 -41.11
CA ILE D 96 -1.04 -14.47 -40.02
C ILE D 96 -1.99 -13.41 -39.43
N ASN D 97 -1.45 -12.22 -39.16
CA ASN D 97 -2.23 -11.15 -38.54
C ASN D 97 -3.28 -10.56 -39.45
N ASP D 98 -3.04 -10.56 -40.75
CA ASP D 98 -4.03 -10.06 -41.70
C ASP D 98 -5.27 -10.97 -41.77
N ALA D 99 -5.11 -12.24 -41.39
CA ALA D 99 -6.22 -13.17 -41.33
C ALA D 99 -7.18 -12.79 -40.20
N ASP D 100 -6.64 -12.15 -39.16
CA ASP D 100 -7.46 -11.63 -38.06
C ASP D 100 -8.43 -12.72 -37.61
N SER D 101 -7.86 -13.87 -37.25
CA SER D 101 -8.66 -15.05 -36.98
C SER D 101 -8.24 -15.71 -35.67
N GLY D 102 -8.00 -14.89 -34.66
CA GLY D 102 -7.74 -15.39 -33.31
C GLY D 102 -6.36 -15.97 -33.05
N ILE D 103 -5.44 -15.70 -33.96
CA ILE D 103 -4.03 -16.05 -33.78
C ILE D 103 -3.23 -14.77 -33.98
N ALA D 104 -2.38 -14.42 -33.02
CA ALA D 104 -1.53 -13.26 -33.14
C ALA D 104 -0.08 -13.67 -33.42
N ALA D 105 0.56 -13.01 -34.38
CA ALA D 105 2.00 -13.23 -34.60
C ALA D 105 2.72 -11.98 -34.14
N SER D 106 3.79 -12.14 -33.38
CA SER D 106 4.64 -11.01 -33.03
C SER D 106 6.07 -11.45 -33.19
N ILE D 107 6.97 -10.49 -33.35
CA ILE D 107 8.40 -10.76 -33.49
C ILE D 107 9.08 -10.36 -32.19
N VAL D 108 9.96 -11.22 -31.67
CA VAL D 108 10.75 -10.90 -30.49
C VAL D 108 12.19 -10.64 -30.95
N LYS D 109 12.71 -9.46 -30.63
CA LYS D 109 14.14 -9.18 -30.83
C LYS D 109 14.87 -9.57 -29.55
N VAL D 110 15.56 -10.70 -29.56
CA VAL D 110 16.28 -11.11 -28.35
C VAL D 110 17.49 -10.19 -28.14
N LYS D 111 18.18 -9.87 -29.23
CA LYS D 111 19.18 -8.80 -29.25
C LYS D 111 19.41 -8.38 -30.69
N GLU D 112 20.25 -7.37 -30.93
CA GLU D 112 20.55 -6.95 -32.30
C GLU D 112 20.87 -8.16 -33.18
N ASN D 113 20.15 -8.30 -34.29
CA ASN D 113 20.35 -9.39 -35.23
C ASN D 113 20.08 -10.79 -34.67
N GLU D 114 19.12 -10.88 -33.76
CA GLU D 114 18.58 -12.17 -33.35
C GLU D 114 17.08 -11.99 -33.21
N PHE D 115 16.35 -12.44 -34.21
CA PHE D 115 14.91 -12.31 -34.22
C PHE D 115 14.23 -13.67 -34.17
N GLN D 116 13.16 -13.72 -33.38
CA GLN D 116 12.42 -14.95 -33.11
C GLN D 116 10.94 -14.68 -33.33
N LEU D 117 10.25 -15.63 -33.97
CA LEU D 117 8.82 -15.49 -34.27
C LEU D 117 7.98 -16.19 -33.21
N VAL D 118 6.96 -15.48 -32.74
CA VAL D 118 6.07 -15.94 -31.71
C VAL D 118 4.64 -15.92 -32.23
N LEU D 119 3.90 -17.00 -31.98
CA LEU D 119 2.48 -17.10 -32.30
C LEU D 119 1.69 -17.36 -31.02
N THR D 120 0.68 -16.53 -30.78
CA THR D 120 -0.11 -16.63 -29.58
C THR D 120 -1.58 -16.80 -29.96
N ALA D 121 -2.28 -17.68 -29.25
CA ALA D 121 -3.72 -17.91 -29.44
C ALA D 121 -4.56 -17.06 -28.49
N ASN D 122 -5.87 -17.22 -28.55
CA ASN D 122 -6.73 -16.74 -27.50
C ASN D 122 -6.59 -17.67 -26.30
N SER D 123 -7.02 -17.19 -25.14
CA SER D 123 -6.86 -17.97 -23.93
C SER D 123 -7.67 -19.25 -23.97
N GLY D 124 -7.23 -20.23 -23.20
CA GLY D 124 -7.98 -21.45 -22.98
C GLY D 124 -7.47 -22.66 -23.73
N THR D 125 -7.86 -23.82 -23.23
CA THR D 125 -7.41 -25.10 -23.73
C THR D 125 -8.06 -25.48 -25.05
N ASP D 126 -9.16 -24.80 -25.41
CA ASP D 126 -9.81 -25.00 -26.69
C ASP D 126 -9.00 -24.41 -27.84
N ASN D 127 -7.90 -23.74 -27.51
CA ASN D 127 -7.17 -22.97 -28.48
C ASN D 127 -5.72 -23.43 -28.63
N THR D 128 -5.42 -24.64 -28.17
CA THR D 128 -4.10 -25.21 -28.40
C THR D 128 -3.93 -25.44 -29.89
N MET D 129 -2.70 -25.33 -30.37
CA MET D 129 -2.41 -25.25 -31.80
C MET D 129 -1.70 -26.49 -32.34
N LYS D 130 -2.12 -26.91 -33.53
CA LYS D 130 -1.35 -27.83 -34.35
C LYS D 130 -0.95 -27.07 -35.62
N ILE D 131 0.34 -26.96 -35.88
CA ILE D 131 0.82 -26.17 -37.00
C ILE D 131 1.52 -27.06 -38.00
N THR D 132 1.11 -26.94 -39.25
CA THR D 132 1.80 -27.59 -40.36
C THR D 132 1.94 -26.60 -41.51
N VAL D 133 2.97 -26.79 -42.33
CA VAL D 133 3.11 -26.04 -43.54
C VAL D 133 3.07 -27.04 -44.70
N GLU D 134 2.18 -26.78 -45.66
CA GLU D 134 1.97 -27.67 -46.80
C GLU D 134 2.67 -27.08 -48.02
N GLY D 135 3.64 -27.82 -48.57
CA GLY D 135 4.33 -27.42 -49.80
C GLY D 135 5.68 -26.74 -49.65
N ASP D 136 6.24 -26.75 -48.44
CA ASP D 136 7.55 -26.14 -48.20
C ASP D 136 8.18 -26.76 -46.96
N THR D 137 9.04 -27.76 -47.17
CA THR D 137 9.56 -28.54 -46.05
C THR D 137 10.46 -27.72 -45.12
N LYS D 138 11.24 -26.80 -45.67
CA LYS D 138 12.09 -25.93 -44.86
C LYS D 138 11.25 -25.09 -43.90
N LEU D 139 10.11 -24.59 -44.38
CA LEU D 139 9.23 -23.80 -43.55
C LEU D 139 8.45 -24.71 -42.59
N ASN D 140 8.15 -25.93 -43.02
CA ASN D 140 7.56 -26.92 -42.11
C ASN D 140 8.52 -27.22 -40.97
N ASP D 141 9.80 -27.40 -41.30
CA ASP D 141 10.83 -27.63 -40.30
C ASP D 141 10.93 -26.49 -39.29
N LEU D 142 10.63 -25.26 -39.71
CA LEU D 142 10.67 -24.12 -38.80
C LEU D 142 9.42 -24.02 -37.92
N LEU D 143 8.24 -24.14 -38.54
CA LEU D 143 6.97 -23.77 -37.90
C LEU D 143 6.12 -24.92 -37.35
N ALA D 144 6.49 -26.16 -37.64
CA ALA D 144 5.65 -27.30 -37.29
C ALA D 144 5.50 -27.43 -35.77
N TYR D 145 4.27 -27.64 -35.31
CA TYR D 145 4.00 -27.93 -33.90
C TYR D 145 2.74 -28.76 -33.71
N ASP D 146 2.78 -29.65 -32.74
CA ASP D 146 1.65 -30.52 -32.41
C ASP D 146 1.45 -30.47 -30.89
N SER D 147 0.37 -29.83 -30.45
CA SER D 147 0.06 -29.68 -29.02
C SER D 147 -0.39 -30.98 -28.37
N THR D 148 -0.89 -31.91 -29.16
CA THR D 148 -1.31 -33.20 -28.63
C THR D 148 -0.13 -33.89 -27.94
N THR D 149 1.04 -33.88 -28.58
CA THR D 149 2.23 -34.54 -28.04
C THR D 149 3.34 -33.57 -27.60
N ASN D 150 3.04 -32.27 -27.60
CA ASN D 150 4.05 -31.22 -27.34
C ASN D 150 5.38 -31.54 -28.04
N THR D 151 5.29 -31.80 -29.34
CA THR D 151 6.42 -32.07 -30.21
C THR D 151 6.40 -31.12 -31.40
N GLY D 152 7.58 -30.91 -31.98
CA GLY D 152 7.74 -30.00 -33.08
C GLY D 152 8.95 -29.11 -32.86
N ASN D 153 9.22 -28.28 -33.86
CA ASN D 153 10.38 -27.40 -33.84
C ASN D 153 10.11 -26.04 -33.21
N MET D 154 8.87 -25.78 -32.84
CA MET D 154 8.56 -24.60 -32.04
C MET D 154 8.45 -24.99 -30.57
N GLN D 155 8.67 -24.02 -29.69
CA GLN D 155 8.68 -24.28 -28.25
C GLN D 155 7.51 -23.56 -27.55
N GLU D 156 6.88 -24.24 -26.58
CA GLU D 156 5.80 -23.65 -25.83
C GLU D 156 6.34 -22.65 -24.81
N LEU D 157 6.08 -21.37 -25.04
CA LEU D 157 6.45 -20.32 -24.10
C LEU D 157 5.46 -20.23 -22.95
N VAL D 158 4.17 -20.36 -23.27
CA VAL D 158 3.10 -20.29 -22.27
C VAL D 158 2.16 -21.46 -22.50
N LYS D 159 1.78 -22.11 -21.41
CA LYS D 159 0.86 -23.23 -21.49
C LYS D 159 -0.57 -22.72 -21.49
N ALA D 160 -1.34 -23.09 -22.51
CA ALA D 160 -2.77 -22.82 -22.53
C ALA D 160 -3.41 -23.36 -21.26
N GLU D 161 -4.27 -22.53 -20.66
CA GLU D 161 -4.81 -22.78 -19.33
C GLU D 161 -6.21 -22.14 -19.21
N ASN D 162 -7.10 -22.75 -18.44
CA ASN D 162 -8.45 -22.24 -18.23
C ASN D 162 -8.60 -21.46 -16.93
N ALA D 163 -9.60 -20.60 -16.88
CA ALA D 163 -9.97 -19.91 -15.65
C ALA D 163 -10.79 -20.86 -14.78
N LYS D 164 -10.45 -20.90 -13.48
CA LYS D 164 -11.13 -21.74 -12.50
C LYS D 164 -11.54 -20.88 -11.32
N LEU D 165 -12.80 -20.97 -10.90
CA LEU D 165 -13.23 -20.17 -9.77
C LEU D 165 -14.43 -20.78 -9.04
N ASN D 166 -14.61 -20.32 -7.80
CA ASN D 166 -15.69 -20.79 -6.97
C ASN D 166 -16.61 -19.63 -6.62
N VAL D 167 -17.90 -19.84 -6.87
CA VAL D 167 -18.93 -18.83 -6.63
C VAL D 167 -19.98 -19.43 -5.72
N ASN D 168 -19.95 -19.04 -4.45
CA ASN D 168 -20.87 -19.55 -3.44
C ASN D 168 -20.85 -21.09 -3.38
N GLY D 169 -19.66 -21.66 -3.48
CA GLY D 169 -19.47 -23.10 -3.32
C GLY D 169 -19.48 -23.94 -4.60
N ILE D 170 -19.82 -23.31 -5.73
CA ILE D 170 -19.82 -24.01 -7.02
C ILE D 170 -18.52 -23.73 -7.76
N ASP D 171 -17.77 -24.80 -8.09
CA ASP D 171 -16.58 -24.69 -8.95
C ASP D 171 -16.96 -24.46 -10.41
N ILE D 172 -16.30 -23.49 -11.03
CA ILE D 172 -16.58 -23.02 -12.38
C ILE D 172 -15.29 -23.04 -13.21
N GLU D 173 -15.40 -23.35 -14.50
CA GLU D 173 -14.26 -23.31 -15.42
C GLU D 173 -14.66 -22.55 -16.70
N ARG D 174 -13.76 -21.72 -17.20
CA ARG D 174 -14.01 -20.95 -18.43
C ARG D 174 -12.76 -20.83 -19.28
N GLN D 175 -12.95 -20.54 -20.56
CA GLN D 175 -11.86 -20.41 -21.49
C GLN D 175 -11.20 -19.04 -21.38
N SER D 176 -11.92 -18.08 -20.78
CA SER D 176 -11.49 -16.69 -20.76
C SER D 176 -11.56 -16.10 -19.38
N ASN D 177 -10.89 -14.96 -19.20
CA ASN D 177 -10.93 -14.23 -17.94
C ASN D 177 -12.13 -13.27 -17.87
N THR D 178 -12.93 -13.26 -18.93
CA THR D 178 -14.25 -12.63 -18.91
C THR D 178 -15.29 -13.72 -18.68
N VAL D 179 -15.67 -13.87 -17.41
CA VAL D 179 -16.63 -14.88 -17.00
C VAL D 179 -18.06 -14.34 -17.01
N THR D 180 -18.93 -14.91 -17.84
CA THR D 180 -20.37 -14.64 -17.73
C THR D 180 -21.05 -15.88 -17.16
N ASP D 181 -22.37 -15.79 -16.97
CA ASP D 181 -23.21 -16.95 -16.58
C ASP D 181 -22.76 -17.62 -15.26
N ALA D 182 -22.18 -16.84 -14.35
CA ALA D 182 -21.75 -17.34 -13.03
C ALA D 182 -22.10 -16.36 -11.90
N PRO D 183 -23.39 -16.05 -11.72
CA PRO D 183 -24.56 -16.54 -12.44
C PRO D 183 -24.94 -15.66 -13.63
N GLN D 184 -25.91 -16.13 -14.41
CA GLN D 184 -26.50 -15.34 -15.49
C GLN D 184 -26.94 -13.99 -14.95
N GLY D 185 -26.51 -12.93 -15.63
CA GLY D 185 -26.75 -11.56 -15.17
C GLY D 185 -25.43 -10.84 -14.97
N ILE D 186 -24.48 -11.51 -14.31
CA ILE D 186 -23.20 -10.89 -13.93
C ILE D 186 -22.06 -11.26 -14.88
N THR D 187 -21.27 -10.25 -15.22
CA THR D 187 -20.05 -10.41 -16.02
C THR D 187 -18.84 -10.08 -15.18
N LEU D 188 -18.10 -11.12 -14.77
CA LEU D 188 -16.92 -10.96 -13.94
C LEU D 188 -15.65 -10.89 -14.77
N THR D 189 -14.74 -10.00 -14.41
CA THR D 189 -13.44 -9.89 -15.06
C THR D 189 -12.34 -10.24 -14.07
N LEU D 190 -11.55 -11.27 -14.39
CA LEU D 190 -10.51 -11.75 -13.49
C LEU D 190 -9.16 -11.19 -13.91
N THR D 191 -8.45 -10.60 -12.96
CA THR D 191 -7.09 -10.14 -13.19
C THR D 191 -6.08 -10.84 -12.26
N LYS D 192 -6.56 -11.32 -11.12
CA LYS D 192 -5.67 -11.89 -10.10
C LYS D 192 -6.37 -13.00 -9.37
N LYS D 193 -5.58 -13.96 -8.90
CA LYS D 193 -6.08 -14.99 -7.99
C LYS D 193 -6.41 -14.33 -6.66
N VAL D 194 -7.65 -14.51 -6.19
CA VAL D 194 -8.14 -13.82 -4.99
C VAL D 194 -8.86 -14.79 -4.08
N THR D 195 -8.83 -14.49 -2.77
CA THR D 195 -9.44 -15.32 -1.74
C THR D 195 -10.57 -14.57 -1.03
N ASP D 196 -11.74 -15.20 -0.98
CA ASP D 196 -12.91 -14.69 -0.27
C ASP D 196 -13.23 -13.23 -0.61
N ALA D 197 -13.34 -12.95 -1.90
CA ALA D 197 -13.84 -11.67 -2.40
C ALA D 197 -15.36 -11.72 -2.46
N THR D 198 -16.00 -10.57 -2.28
CA THR D 198 -17.47 -10.49 -2.28
C THR D 198 -17.98 -9.55 -3.36
N VAL D 199 -18.84 -10.07 -4.23
CA VAL D 199 -19.59 -9.25 -5.18
C VAL D 199 -21.01 -9.08 -4.63
N THR D 200 -21.59 -7.90 -4.84
CA THR D 200 -22.91 -7.58 -4.31
C THR D 200 -23.76 -6.86 -5.37
N VAL D 201 -24.84 -7.49 -5.79
CA VAL D 201 -25.80 -6.88 -6.70
C VAL D 201 -26.97 -6.33 -5.88
N THR D 202 -27.45 -5.13 -6.25
CA THR D 202 -28.51 -4.47 -5.50
C THR D 202 -29.48 -3.74 -6.43
N SER E 8 -24.58 17.35 16.72
CA SER E 8 -23.85 16.79 15.54
C SER E 8 -22.78 15.79 15.95
N THR E 9 -22.92 14.56 15.48
CA THR E 9 -22.00 13.48 15.81
C THR E 9 -21.16 13.14 14.59
N VAL E 10 -19.91 12.75 14.81
CA VAL E 10 -18.99 12.33 13.75
C VAL E 10 -18.27 11.05 14.17
N ALA E 11 -18.12 10.10 13.26
CA ALA E 11 -17.51 8.80 13.58
C ALA E 11 -16.34 8.44 12.65
N SER E 12 -15.36 7.74 13.23
CA SER E 12 -14.12 7.37 12.53
C SER E 12 -13.72 5.94 12.90
N SER E 13 -13.10 5.24 11.97
CA SER E 13 -12.67 3.85 12.17
C SER E 13 -11.19 3.79 11.84
N THR E 14 -10.46 2.92 12.55
CA THR E 14 -9.03 2.76 12.29
C THR E 14 -8.79 1.93 11.04
N THR E 15 -9.83 1.27 10.56
CA THR E 15 -9.71 0.40 9.38
C THR E 15 -10.86 0.63 8.40
N GLU E 16 -10.54 0.50 7.12
CA GLU E 16 -11.53 0.56 6.05
C GLU E 16 -12.45 -0.67 6.04
N ASP E 17 -12.05 -1.74 6.75
CA ASP E 17 -12.82 -3.00 6.78
C ASP E 17 -13.99 -2.95 7.76
N LEU E 18 -14.30 -1.77 8.26
CA LEU E 18 -15.35 -1.58 9.23
C LEU E 18 -15.88 -0.16 9.06
N LYS E 19 -16.94 0.01 8.29
CA LYS E 19 -17.52 1.33 8.04
C LYS E 19 -18.43 1.74 9.21
N VAL E 20 -18.33 3.01 9.61
CA VAL E 20 -19.11 3.52 10.71
C VAL E 20 -19.92 4.74 10.29
N SER E 21 -21.19 4.74 10.65
CA SER E 21 -22.02 5.92 10.51
C SER E 21 -22.69 6.21 11.87
N THR E 22 -23.13 7.45 12.09
CA THR E 22 -23.84 7.82 13.32
C THR E 22 -25.21 8.45 13.08
N THR E 23 -25.96 8.58 14.17
CA THR E 23 -27.14 9.44 14.23
C THR E 23 -26.82 10.69 15.10
N ALA E 24 -27.73 11.66 15.16
CA ALA E 24 -27.54 12.87 15.98
C ALA E 24 -27.71 12.61 17.49
N GLY E 25 -28.35 11.48 17.84
CA GLY E 25 -28.55 11.10 19.24
C GLY E 25 -27.35 10.41 19.87
N ALA E 26 -26.47 9.87 19.02
CA ALA E 26 -25.29 9.14 19.46
C ALA E 26 -24.48 9.95 20.45
N ALA E 27 -23.86 9.24 21.39
CA ALA E 27 -22.93 9.86 22.33
C ALA E 27 -21.51 9.73 21.80
N ALA E 28 -20.66 10.65 22.24
CA ALA E 28 -19.23 10.55 22.00
C ALA E 28 -18.70 9.33 22.75
N GLY E 29 -17.62 8.76 22.25
CA GLY E 29 -17.02 7.59 22.87
C GLY E 29 -15.99 6.96 21.98
N THR E 30 -15.30 5.97 22.52
CA THR E 30 -14.34 5.19 21.74
C THR E 30 -14.56 3.70 22.00
N TYR E 31 -14.69 2.94 20.93
CA TYR E 31 -15.09 1.54 20.98
C TYR E 31 -14.04 0.64 20.37
N LYS E 32 -13.63 -0.36 21.14
CA LYS E 32 -12.70 -1.37 20.66
C LYS E 32 -13.55 -2.52 20.17
N ILE E 33 -13.48 -2.77 18.87
CA ILE E 33 -14.33 -3.74 18.21
C ILE E 33 -13.50 -4.90 17.67
N ASN E 34 -13.92 -6.12 17.95
CA ASN E 34 -13.41 -7.30 17.27
C ASN E 34 -14.55 -7.97 16.49
N VAL E 35 -14.34 -8.26 15.22
CA VAL E 35 -15.33 -9.00 14.41
C VAL E 35 -14.81 -10.42 14.19
N THR E 36 -15.44 -11.39 14.85
CA THR E 36 -14.94 -12.77 14.84
C THR E 36 -15.69 -13.67 13.86
N GLN E 37 -16.80 -13.19 13.33
CA GLN E 37 -17.52 -13.93 12.30
C GLN E 37 -18.45 -13.00 11.55
N LEU E 38 -18.59 -13.24 10.24
CA LEU E 38 -19.48 -12.47 9.39
C LEU E 38 -20.77 -13.22 9.20
N ALA E 39 -21.89 -12.50 9.17
CA ALA E 39 -23.16 -13.12 8.79
C ALA E 39 -23.07 -13.68 7.37
N ALA E 40 -23.79 -14.76 7.11
CA ALA E 40 -23.80 -15.42 5.79
C ALA E 40 -25.20 -15.96 5.46
N ALA E 41 -25.57 -15.92 4.19
CA ALA E 41 -26.88 -16.37 3.73
C ALA E 41 -26.79 -17.82 3.29
N GLN E 42 -27.79 -18.62 3.68
CA GLN E 42 -27.84 -19.99 3.21
C GLN E 42 -28.05 -19.99 1.70
N SER E 43 -27.33 -20.88 1.03
CA SER E 43 -27.45 -21.04 -0.38
C SER E 43 -27.64 -22.52 -0.69
N LEU E 44 -28.64 -22.82 -1.51
CA LEU E 44 -28.96 -24.17 -1.87
C LEU E 44 -28.83 -24.32 -3.38
N ALA E 45 -28.25 -25.44 -3.81
CA ALA E 45 -28.06 -25.69 -5.23
C ALA E 45 -28.55 -27.09 -5.59
N THR E 46 -29.12 -27.27 -6.78
CA THR E 46 -29.55 -28.60 -7.21
C THR E 46 -28.33 -29.51 -7.29
N LYS E 47 -28.49 -30.77 -6.90
CA LYS E 47 -27.35 -31.72 -6.88
C LYS E 47 -26.96 -32.10 -8.30
N THR E 48 -27.95 -32.33 -9.14
CA THR E 48 -27.72 -32.62 -10.54
C THR E 48 -27.62 -31.29 -11.29
N THR E 49 -26.99 -31.31 -12.47
CA THR E 49 -26.94 -30.17 -13.38
C THR E 49 -27.71 -30.51 -14.65
N PHE E 50 -27.96 -29.50 -15.48
CA PHE E 50 -28.80 -29.67 -16.67
C PHE E 50 -28.17 -29.05 -17.92
N ALA E 51 -28.43 -29.67 -19.07
CA ALA E 51 -27.76 -29.31 -20.33
C ALA E 51 -28.12 -27.91 -20.81
N THR E 52 -29.33 -27.47 -20.50
CA THR E 52 -29.83 -26.15 -20.89
C THR E 52 -30.71 -25.58 -19.80
N THR E 53 -30.96 -24.28 -19.90
CA THR E 53 -31.81 -23.58 -18.96
C THR E 53 -33.29 -23.68 -19.31
N LYS E 54 -33.63 -24.28 -20.46
CA LYS E 54 -35.01 -24.41 -20.91
C LYS E 54 -35.60 -25.81 -20.71
N GLU E 55 -34.75 -26.81 -20.45
CA GLU E 55 -35.26 -28.18 -20.28
C GLU E 55 -36.03 -28.29 -18.96
N GLN E 56 -36.97 -29.22 -18.94
CA GLN E 56 -38.01 -29.26 -17.92
C GLN E 56 -37.58 -30.06 -16.69
N LEU E 57 -37.49 -29.37 -15.56
CA LEU E 57 -37.00 -29.94 -14.30
C LEU E 57 -38.13 -30.62 -13.48
N GLY E 58 -39.37 -30.35 -13.87
CA GLY E 58 -40.55 -30.93 -13.25
C GLY E 58 -41.36 -31.71 -14.26
N ASP E 59 -42.61 -32.01 -13.92
CA ASP E 59 -43.44 -32.92 -14.72
C ASP E 59 -44.29 -32.13 -15.72
N THR E 60 -44.01 -32.29 -17.01
CA THR E 60 -44.72 -31.54 -18.06
C THR E 60 -46.19 -31.94 -18.23
N SER E 61 -46.63 -33.01 -17.58
CA SER E 61 -48.04 -33.41 -17.59
C SER E 61 -48.92 -32.51 -16.70
N VAL E 62 -48.34 -31.82 -15.73
CA VAL E 62 -49.13 -31.01 -14.79
C VAL E 62 -49.01 -29.51 -15.08
N THR E 63 -50.15 -28.83 -15.05
CA THR E 63 -50.23 -27.42 -15.40
C THR E 63 -49.76 -26.55 -14.23
N SER E 64 -50.12 -26.93 -13.00
CA SER E 64 -49.86 -26.08 -11.84
C SER E 64 -49.19 -26.82 -10.68
N ARG E 65 -48.14 -26.24 -10.12
CA ARG E 65 -47.61 -26.66 -8.82
C ARG E 65 -47.12 -25.43 -8.06
N THR E 66 -46.89 -25.60 -6.76
CA THR E 66 -46.45 -24.52 -5.91
C THR E 66 -45.14 -24.87 -5.23
N ILE E 67 -44.18 -23.96 -5.31
CA ILE E 67 -42.97 -24.07 -4.51
C ILE E 67 -43.19 -23.32 -3.21
N LYS E 68 -43.26 -24.05 -2.12
CA LYS E 68 -43.48 -23.50 -0.79
C LYS E 68 -42.15 -23.41 -0.04
N ILE E 69 -41.82 -22.21 0.46
CA ILE E 69 -40.57 -21.97 1.20
C ILE E 69 -40.87 -21.44 2.61
N GLU E 70 -40.38 -22.16 3.62
CA GLU E 70 -40.61 -21.81 5.03
C GLU E 70 -39.29 -21.40 5.68
N GLN E 71 -39.35 -20.36 6.52
CA GLN E 71 -38.16 -19.84 7.21
C GLN E 71 -38.55 -19.42 8.63
N PRO E 72 -37.71 -19.72 9.64
CA PRO E 72 -37.98 -19.36 11.04
C PRO E 72 -38.48 -17.91 11.25
N GLY E 73 -37.87 -16.96 10.53
CA GLY E 73 -38.26 -15.55 10.63
C GLY E 73 -39.44 -15.12 9.78
N ARG E 74 -39.84 -15.97 8.85
CA ARG E 74 -40.96 -15.68 7.95
C ARG E 74 -42.27 -16.14 8.58
N LYS E 75 -43.14 -15.19 8.91
CA LYS E 75 -44.42 -15.49 9.52
C LYS E 75 -45.27 -16.35 8.60
N GLU E 76 -45.40 -15.93 7.34
CA GLU E 76 -46.28 -16.61 6.39
C GLU E 76 -45.49 -17.31 5.27
N PRO E 77 -45.74 -18.62 5.05
CA PRO E 77 -45.03 -19.36 4.02
C PRO E 77 -45.04 -18.66 2.67
N LEU E 78 -43.93 -18.73 1.95
CA LEU E 78 -43.83 -18.15 0.63
C LEU E 78 -44.27 -19.19 -0.37
N GLU E 79 -45.29 -18.85 -1.16
CA GLU E 79 -45.86 -19.78 -2.12
C GLU E 79 -45.66 -19.22 -3.53
N ILE E 80 -44.75 -19.84 -4.27
CA ILE E 80 -44.49 -19.48 -5.65
C ILE E 80 -45.20 -20.48 -6.56
N LYS E 81 -46.17 -19.99 -7.32
CA LYS E 81 -46.94 -20.84 -8.21
C LYS E 81 -46.36 -20.79 -9.62
N LEU E 82 -46.17 -21.96 -10.21
CA LEU E 82 -45.89 -22.09 -11.65
C LEU E 82 -47.14 -22.66 -12.31
N ASP E 83 -48.03 -21.79 -12.78
CA ASP E 83 -49.34 -22.20 -13.26
C ASP E 83 -49.50 -22.21 -14.78
N LYS E 84 -48.39 -22.32 -15.51
CA LYS E 84 -48.40 -22.31 -16.98
C LYS E 84 -47.96 -23.63 -17.63
N GLY E 85 -47.42 -24.56 -16.85
CA GLY E 85 -46.91 -25.84 -17.37
C GLY E 85 -45.42 -25.83 -17.73
N ASP E 86 -44.81 -24.64 -17.70
CA ASP E 86 -43.39 -24.41 -18.01
C ASP E 86 -42.66 -24.66 -16.67
N THR E 87 -41.83 -25.70 -16.57
CA THR E 87 -41.00 -25.90 -15.37
C THR E 87 -39.50 -25.85 -15.65
N SER E 88 -39.11 -25.07 -16.63
CA SER E 88 -37.70 -24.91 -16.97
C SER E 88 -36.97 -24.15 -15.86
N MET E 89 -35.65 -24.20 -15.90
CA MET E 89 -34.83 -23.53 -14.89
C MET E 89 -35.03 -22.01 -14.94
N GLU E 90 -35.24 -21.49 -16.16
CA GLU E 90 -35.55 -20.06 -16.37
C GLU E 90 -36.92 -19.68 -15.79
N ALA E 91 -37.89 -20.57 -16.00
CA ALA E 91 -39.26 -20.34 -15.53
C ALA E 91 -39.30 -20.31 -14.02
N ILE E 92 -38.59 -21.25 -13.38
CA ILE E 92 -38.56 -21.32 -11.92
C ILE E 92 -37.83 -20.08 -11.38
N ARG E 93 -36.66 -19.78 -11.94
CA ARG E 93 -35.91 -18.59 -11.55
C ARG E 93 -36.77 -17.33 -11.60
N ASP E 94 -37.38 -17.09 -12.74
CA ASP E 94 -38.18 -15.88 -12.93
C ASP E 94 -39.43 -15.84 -12.01
N ALA E 95 -39.96 -17.01 -11.62
CA ALA E 95 -41.14 -17.02 -10.76
C ALA E 95 -40.78 -16.67 -9.30
N ILE E 96 -39.69 -17.26 -8.81
CA ILE E 96 -39.19 -16.97 -7.48
C ILE E 96 -38.81 -15.50 -7.38
N ASN E 97 -37.96 -15.03 -8.30
CA ASN E 97 -37.46 -13.65 -8.26
C ASN E 97 -38.55 -12.59 -8.44
N ASP E 98 -39.53 -12.85 -9.31
CA ASP E 98 -40.64 -11.92 -9.52
C ASP E 98 -41.52 -11.76 -8.26
N ALA E 99 -41.46 -12.74 -7.36
CA ALA E 99 -42.12 -12.64 -6.05
C ALA E 99 -41.47 -11.56 -5.17
N ASP E 100 -40.18 -11.31 -5.40
CA ASP E 100 -39.44 -10.22 -4.75
C ASP E 100 -39.57 -10.30 -3.23
N SER E 101 -39.39 -11.50 -2.69
CA SER E 101 -39.70 -11.75 -1.30
C SER E 101 -38.55 -12.41 -0.56
N GLY E 102 -37.39 -11.77 -0.58
CA GLY E 102 -36.26 -12.19 0.25
C GLY E 102 -35.60 -13.50 -0.14
N ILE E 103 -35.92 -14.00 -1.33
CA ILE E 103 -35.27 -15.19 -1.87
C ILE E 103 -34.84 -14.92 -3.30
N ALA E 104 -33.63 -15.34 -3.62
CA ALA E 104 -33.00 -15.05 -4.90
C ALA E 104 -32.66 -16.36 -5.60
N ALA E 105 -33.23 -16.54 -6.78
CA ALA E 105 -32.93 -17.70 -7.60
C ALA E 105 -31.89 -17.28 -8.63
N SER E 106 -30.82 -18.04 -8.76
CA SER E 106 -29.80 -17.75 -9.77
C SER E 106 -29.40 -19.02 -10.49
N ILE E 107 -28.89 -18.86 -11.71
CA ILE E 107 -28.43 -19.97 -12.54
C ILE E 107 -26.94 -19.87 -12.79
N VAL E 108 -26.19 -20.88 -12.34
CA VAL E 108 -24.76 -20.91 -12.55
C VAL E 108 -24.42 -21.95 -13.60
N LYS E 109 -23.73 -21.51 -14.66
CA LYS E 109 -23.15 -22.42 -15.62
C LYS E 109 -21.76 -22.83 -15.14
N VAL E 110 -21.59 -24.09 -14.77
CA VAL E 110 -20.30 -24.59 -14.27
C VAL E 110 -19.34 -24.71 -15.45
N LYS E 111 -19.86 -25.20 -16.57
CA LYS E 111 -19.16 -25.17 -17.86
C LYS E 111 -20.16 -25.55 -18.94
N GLU E 112 -19.72 -25.62 -20.20
CA GLU E 112 -20.66 -25.86 -21.28
C GLU E 112 -21.58 -27.05 -21.00
N ASN E 113 -22.87 -26.86 -21.25
CA ASN E 113 -23.89 -27.88 -21.05
C ASN E 113 -24.10 -28.30 -19.61
N GLU E 114 -23.61 -27.51 -18.65
CA GLU E 114 -23.77 -27.83 -17.24
C GLU E 114 -24.26 -26.62 -16.44
N PHE E 115 -25.59 -26.50 -16.34
CA PHE E 115 -26.27 -25.43 -15.61
C PHE E 115 -26.86 -25.94 -14.30
N GLN E 116 -26.76 -25.13 -13.26
CA GLN E 116 -27.17 -25.50 -11.92
C GLN E 116 -28.03 -24.36 -11.36
N LEU E 117 -29.14 -24.72 -10.71
CA LEU E 117 -30.02 -23.75 -10.08
C LEU E 117 -29.57 -23.53 -8.65
N VAL E 118 -29.47 -22.26 -8.26
CA VAL E 118 -29.10 -21.87 -6.90
C VAL E 118 -30.20 -21.01 -6.30
N LEU E 119 -30.62 -21.37 -5.09
CA LEU E 119 -31.52 -20.53 -4.30
C LEU E 119 -30.74 -20.01 -3.12
N THR E 120 -30.80 -18.70 -2.89
CA THR E 120 -30.08 -18.07 -1.77
C THR E 120 -30.99 -17.13 -0.98
N ALA E 121 -30.96 -17.26 0.35
CA ALA E 121 -31.78 -16.42 1.22
C ALA E 121 -31.02 -15.14 1.56
N ASN E 122 -31.63 -14.26 2.34
CA ASN E 122 -30.89 -13.18 3.00
C ASN E 122 -30.00 -13.78 4.08
N SER E 123 -29.14 -12.95 4.69
CA SER E 123 -28.20 -13.43 5.70
C SER E 123 -28.87 -13.81 7.02
N GLY E 124 -28.23 -14.72 7.75
CA GLY E 124 -28.61 -15.06 9.11
C GLY E 124 -29.33 -16.38 9.29
N THR E 125 -29.20 -16.96 10.47
CA THR E 125 -29.82 -18.24 10.78
C THR E 125 -31.34 -18.21 10.77
N ASP E 126 -31.94 -17.03 10.89
CA ASP E 126 -33.40 -16.91 10.80
C ASP E 126 -33.93 -17.17 9.40
N ASN E 127 -33.05 -17.16 8.40
CA ASN E 127 -33.47 -17.29 7.00
C ASN E 127 -33.15 -18.63 6.34
N THR E 128 -32.64 -19.60 7.10
CA THR E 128 -32.45 -20.96 6.57
C THR E 128 -33.78 -21.50 6.06
N MET E 129 -33.74 -22.28 4.99
CA MET E 129 -34.92 -22.58 4.20
C MET E 129 -35.42 -24.01 4.36
N LYS E 130 -36.74 -24.18 4.32
CA LYS E 130 -37.38 -25.47 4.18
C LYS E 130 -38.21 -25.38 2.91
N ILE E 131 -37.81 -26.11 1.89
CA ILE E 131 -38.46 -26.07 0.59
C ILE E 131 -39.25 -27.35 0.41
N THR E 132 -40.50 -27.22 0.01
CA THR E 132 -41.32 -28.34 -0.42
C THR E 132 -42.11 -27.90 -1.63
N VAL E 133 -42.47 -28.85 -2.49
CA VAL E 133 -43.23 -28.58 -3.70
C VAL E 133 -44.53 -29.38 -3.65
N GLU E 134 -45.66 -28.70 -3.80
CA GLU E 134 -46.98 -29.34 -3.76
C GLU E 134 -47.51 -29.54 -5.17
N GLY E 135 -47.86 -30.78 -5.53
CA GLY E 135 -48.46 -31.09 -6.83
C GLY E 135 -47.54 -31.54 -7.96
N ASP E 136 -46.25 -31.73 -7.67
CA ASP E 136 -45.28 -32.20 -8.68
C ASP E 136 -44.11 -32.94 -8.03
N THR E 137 -44.24 -34.26 -7.93
CA THR E 137 -43.24 -35.09 -7.25
C THR E 137 -41.89 -35.12 -7.99
N LYS E 138 -41.90 -34.74 -9.27
CA LYS E 138 -40.67 -34.66 -10.06
C LYS E 138 -39.83 -33.44 -9.66
N LEU E 139 -40.49 -32.28 -9.55
CA LEU E 139 -39.85 -31.04 -9.11
C LEU E 139 -39.52 -31.07 -7.62
N ASN E 140 -40.40 -31.69 -6.83
CA ASN E 140 -40.15 -31.87 -5.41
C ASN E 140 -38.88 -32.67 -5.15
N ASP E 141 -38.68 -33.75 -5.91
CA ASP E 141 -37.47 -34.56 -5.80
C ASP E 141 -36.20 -33.81 -6.23
N LEU E 142 -36.35 -32.63 -6.82
CA LEU E 142 -35.20 -31.80 -7.14
C LEU E 142 -35.03 -30.70 -6.11
N LEU E 143 -36.11 -29.96 -5.82
CA LEU E 143 -36.02 -28.73 -5.04
C LEU E 143 -36.15 -28.90 -3.54
N ALA E 144 -36.75 -29.99 -3.09
CA ALA E 144 -37.02 -30.17 -1.67
C ALA E 144 -35.75 -30.07 -0.84
N TYR E 145 -35.83 -29.36 0.27
CA TYR E 145 -34.77 -29.30 1.27
C TYR E 145 -35.39 -29.03 2.65
N ASP E 146 -34.78 -29.62 3.69
CA ASP E 146 -35.23 -29.43 5.06
C ASP E 146 -34.05 -29.04 5.95
N SER E 147 -33.98 -27.75 6.30
CA SER E 147 -32.87 -27.22 7.10
C SER E 147 -32.91 -27.65 8.58
N THR E 148 -34.07 -28.11 9.04
CA THR E 148 -34.21 -28.61 10.41
C THR E 148 -33.40 -29.90 10.62
N THR E 149 -33.62 -30.89 9.75
CA THR E 149 -32.85 -32.13 9.77
C THR E 149 -31.63 -32.04 8.85
N ASN E 150 -31.35 -30.85 8.34
CA ASN E 150 -30.25 -30.64 7.38
C ASN E 150 -30.05 -31.83 6.43
N THR E 151 -31.17 -32.28 5.85
CA THR E 151 -31.21 -33.31 4.82
C THR E 151 -32.16 -32.84 3.74
N GLY E 152 -31.95 -33.33 2.51
CA GLY E 152 -32.80 -32.93 1.40
C GLY E 152 -32.33 -33.45 0.06
N ASN E 153 -32.93 -32.91 -0.98
CA ASN E 153 -32.56 -33.24 -2.35
C ASN E 153 -31.61 -32.23 -2.93
N MET E 154 -31.71 -30.98 -2.49
CA MET E 154 -30.73 -29.98 -2.85
C MET E 154 -29.57 -30.05 -1.88
N GLN E 155 -28.49 -29.34 -2.20
CA GLN E 155 -27.31 -29.33 -1.34
C GLN E 155 -27.05 -27.93 -0.83
N GLU E 156 -26.61 -27.87 0.42
CA GLU E 156 -26.18 -26.64 1.05
C GLU E 156 -24.73 -26.41 0.66
N LEU E 157 -24.51 -25.45 -0.25
CA LEU E 157 -23.16 -25.05 -0.66
C LEU E 157 -22.60 -23.93 0.22
N VAL E 158 -23.49 -23.13 0.81
CA VAL E 158 -23.11 -22.12 1.78
C VAL E 158 -24.07 -22.21 2.98
N LYS E 159 -23.52 -22.33 4.18
CA LYS E 159 -24.31 -22.41 5.40
C LYS E 159 -24.62 -21.00 5.89
N ALA E 160 -25.82 -20.84 6.46
CA ALA E 160 -26.22 -19.56 7.03
C ALA E 160 -25.46 -19.37 8.33
N GLU E 161 -25.04 -18.15 8.57
CA GLU E 161 -24.28 -17.87 9.77
C GLU E 161 -24.58 -16.45 10.22
N ASN E 162 -24.42 -16.19 11.51
CA ASN E 162 -24.68 -14.86 12.04
C ASN E 162 -23.40 -14.04 12.16
N ALA E 163 -23.56 -12.72 12.15
CA ALA E 163 -22.46 -11.82 12.45
C ALA E 163 -22.21 -11.91 13.94
N LYS E 164 -20.97 -12.13 14.34
CA LYS E 164 -20.55 -12.15 15.74
C LYS E 164 -19.41 -11.16 15.95
N LEU E 165 -19.62 -10.18 16.83
CA LEU E 165 -18.56 -9.21 17.15
C LEU E 165 -18.55 -8.84 18.62
N ASN E 166 -17.47 -8.20 19.05
CA ASN E 166 -17.28 -7.80 20.43
C ASN E 166 -17.07 -6.28 20.49
N VAL E 167 -17.96 -5.58 21.21
CA VAL E 167 -17.84 -4.12 21.37
C VAL E 167 -17.54 -3.77 22.83
N ASN E 168 -16.32 -3.30 23.08
CA ASN E 168 -15.82 -3.03 24.44
C ASN E 168 -16.09 -4.15 25.45
N GLY E 169 -15.91 -5.38 25.00
CA GLY E 169 -15.98 -6.54 25.89
C GLY E 169 -17.32 -7.23 25.90
N ILE E 170 -18.34 -6.63 25.27
CA ILE E 170 -19.65 -7.27 25.14
C ILE E 170 -19.79 -7.98 23.80
N ASP E 171 -20.13 -9.27 23.86
CA ASP E 171 -20.32 -10.08 22.65
C ASP E 171 -21.72 -9.90 22.06
N ILE E 172 -21.76 -9.58 20.77
CA ILE E 172 -22.96 -9.24 20.03
C ILE E 172 -23.22 -10.31 18.97
N GLU E 173 -24.50 -10.56 18.66
CA GLU E 173 -24.87 -11.43 17.53
C GLU E 173 -25.95 -10.74 16.70
N ARG E 174 -25.81 -10.79 15.38
CA ARG E 174 -26.79 -10.20 14.46
C ARG E 174 -26.99 -11.06 13.21
N GLN E 175 -28.14 -10.90 12.57
CA GLN E 175 -28.51 -11.64 11.37
C GLN E 175 -27.78 -11.12 10.14
N SER E 176 -27.50 -9.82 10.12
CA SER E 176 -26.85 -9.20 8.99
C SER E 176 -25.56 -8.52 9.43
N ASN E 177 -24.74 -8.18 8.44
CA ASN E 177 -23.48 -7.49 8.64
C ASN E 177 -23.63 -5.97 8.70
N THR E 178 -24.86 -5.47 8.61
CA THR E 178 -25.15 -4.09 8.97
C THR E 178 -25.60 -4.16 10.43
N VAL E 179 -24.70 -3.78 11.32
CA VAL E 179 -24.93 -3.89 12.75
C VAL E 179 -25.36 -2.54 13.32
N THR E 180 -26.58 -2.48 13.84
CA THR E 180 -27.03 -1.31 14.60
C THR E 180 -27.15 -1.69 16.08
N ASP E 181 -27.46 -0.71 16.92
CA ASP E 181 -27.68 -0.95 18.34
C ASP E 181 -26.49 -1.60 19.11
N ALA E 182 -25.26 -1.37 18.63
CA ALA E 182 -24.04 -1.88 19.29
C ALA E 182 -22.90 -0.84 19.31
N PRO E 183 -23.15 0.32 19.94
CA PRO E 183 -24.35 0.69 20.70
C PRO E 183 -25.38 1.43 19.86
N GLN E 184 -26.56 1.69 20.44
CA GLN E 184 -27.56 2.53 19.82
C GLN E 184 -26.95 3.88 19.54
N GLY E 185 -27.17 4.39 18.33
CA GLY E 185 -26.55 5.61 17.84
C GLY E 185 -25.56 5.38 16.71
N ILE E 186 -25.14 4.12 16.53
CA ILE E 186 -24.06 3.78 15.60
C ILE E 186 -24.47 2.60 14.71
N THR E 187 -24.14 2.72 13.43
CA THR E 187 -24.31 1.63 12.46
C THR E 187 -22.93 1.20 11.96
N LEU E 188 -22.58 -0.06 12.20
CA LEU E 188 -21.31 -0.65 11.76
C LEU E 188 -21.57 -1.55 10.57
N THR E 189 -20.85 -1.36 9.47
CA THR E 189 -20.93 -2.28 8.34
C THR E 189 -19.70 -3.20 8.37
N LEU E 190 -19.92 -4.51 8.49
CA LEU E 190 -18.82 -5.48 8.60
C LEU E 190 -18.54 -6.06 7.23
N THR E 191 -17.30 -5.94 6.78
CA THR E 191 -16.89 -6.46 5.47
C THR E 191 -15.83 -7.57 5.57
N LYS E 192 -15.22 -7.72 6.74
CA LYS E 192 -14.22 -8.76 6.98
C LYS E 192 -13.97 -8.91 8.47
N LYS E 193 -13.42 -10.06 8.86
CA LYS E 193 -12.98 -10.26 10.24
C LYS E 193 -11.85 -9.27 10.54
N VAL E 194 -11.92 -8.60 11.69
CA VAL E 194 -10.87 -7.66 12.11
C VAL E 194 -10.55 -7.85 13.59
N THR E 195 -9.35 -7.44 13.98
CA THR E 195 -8.88 -7.58 15.35
C THR E 195 -8.56 -6.21 15.94
N ASP E 196 -9.20 -5.89 17.05
CA ASP E 196 -8.91 -4.66 17.81
C ASP E 196 -8.92 -3.41 16.92
N ALA E 197 -10.02 -3.23 16.20
CA ALA E 197 -10.29 -1.98 15.51
C ALA E 197 -10.87 -1.02 16.54
N THR E 198 -10.80 0.28 16.24
CA THR E 198 -11.30 1.29 17.17
C THR E 198 -12.18 2.26 16.41
N VAL E 199 -13.43 2.36 16.84
CA VAL E 199 -14.35 3.31 16.29
C VAL E 199 -14.42 4.46 17.28
N THR E 200 -14.23 5.68 16.78
CA THR E 200 -14.29 6.87 17.64
C THR E 200 -15.45 7.73 17.21
N VAL E 201 -16.32 8.06 18.15
CA VAL E 201 -17.41 9.00 17.92
C VAL E 201 -17.10 10.30 18.68
N THR E 202 -17.26 11.43 18.02
CA THR E 202 -17.04 12.74 18.61
C THR E 202 -18.18 13.70 18.27
N LYS E 203 -18.36 14.71 19.11
CA LYS E 203 -19.39 15.71 18.91
C LYS E 203 -18.75 17.06 18.60
#